data_1UNG
#
_entry.id   1UNG
#
_cell.length_a   117.724
_cell.length_b   117.724
_cell.length_c   156.794
_cell.angle_alpha   90.00
_cell.angle_beta   90.00
_cell.angle_gamma   120.00
#
_symmetry.space_group_name_H-M   'P 32 2 1'
#
loop_
_entity.id
_entity.type
_entity.pdbx_description
1 polymer 'CELL DIVISION PROTEIN KINASE 5'
2 polymer 'CYCLIN-DEPENDENT KINASE 5 ACTIVATOR 1'
3 non-polymer 6-PHENYL[5H]PYRROLO[2,3-B]PYRAZINE
4 water water
#
loop_
_entity_poly.entity_id
_entity_poly.type
_entity_poly.pdbx_seq_one_letter_code
_entity_poly.pdbx_strand_id
1 'polypeptide(L)'
;MQKYEKLEKIGEGTYGTVFKAKNRETHEIVALKRVRLDDDDEGVPSSALREICLLKELKHKNIVRLHDVLHSDKKLTLVF
EFCDQDLKKYFDSCNGDLDPEIVKSFLFQLLKGLGFCHSRNVLHRDLKPQNLLINRNGELKLANFGLARAFGIPVRCYSA
EVVTLWYRPPDVLFGAKLYSTSIDMWSAGCIFAELANAGRPLFPGNDVDDQLKRIFRLLGTPTEEQWPSMTKLPDYKPYP
MYPATTSLVNVVPKLNATGRDLLQNLLKCNPVQRISAEEALQHPYFSDFCPP
;
A,B
2 'polypeptide(L)'
;QPPPAQPPAPPASQLSGSQTGGSSSVKKAPHPAVTSAGTPKRVIVQASTSELLRCLGEFLCRRCYRLKHLSPTDPVLWLR
SVDRSLLLQGWQDQGFITPANVVFLYMLCRDVISSEVGSDHELQAVLLTCLYLSYSYMGNEISYPLKPFLVESCKEAFWD
RCLSVINLMSSKMLQINADPHYFTQVFSDLKNESGQEDKKRLLLGLDR
;
D,E
#
loop_
_chem_comp.id
_chem_comp.type
_chem_comp.name
_chem_comp.formula
ALH non-polymer 6-PHENYL[5H]PYRROLO[2,3-B]PYRAZINE 'C16 H17 N3 O'
#
# COMPACT_ATOMS: atom_id res chain seq x y z
N MET A 1 26.58 34.50 21.60
CA MET A 1 27.19 33.57 20.60
C MET A 1 28.69 33.41 20.91
N GLN A 2 29.01 32.67 21.98
CA GLN A 2 30.36 32.60 22.55
C GLN A 2 31.51 33.05 21.68
N LYS A 3 31.51 32.57 20.43
CA LYS A 3 32.56 32.85 19.46
C LYS A 3 32.66 34.35 19.15
N TYR A 4 31.52 35.03 19.18
CA TYR A 4 31.47 36.43 18.75
C TYR A 4 31.17 37.39 19.87
N GLU A 5 31.77 38.57 19.81
CA GLU A 5 31.53 39.67 20.73
C GLU A 5 30.75 40.76 20.03
N LYS A 6 29.59 41.12 20.55
CA LYS A 6 28.74 42.10 19.89
C LYS A 6 29.30 43.50 20.09
N LEU A 7 29.47 44.26 19.01
CA LEU A 7 30.08 45.58 19.14
C LEU A 7 29.02 46.67 19.17
N GLU A 8 28.03 46.54 18.29
CA GLU A 8 26.97 47.52 18.23
C GLU A 8 25.93 47.02 17.25
N LYS A 9 24.67 47.38 17.49
CA LYS A 9 23.62 47.13 16.54
C LYS A 9 23.83 48.09 15.42
N ILE A 10 23.50 47.69 14.21
CA ILE A 10 23.65 48.55 13.05
C ILE A 10 22.45 48.29 12.18
N TYR A 15 14.13 41.40 7.69
CA TYR A 15 13.49 40.42 8.58
C TYR A 15 14.22 40.11 9.92
N GLY A 16 15.33 40.79 10.26
CA GLY A 16 15.90 40.56 11.61
C GLY A 16 16.64 41.75 12.25
N THR A 17 17.41 41.49 13.32
CA THR A 17 18.36 42.48 13.85
C THR A 17 19.84 42.24 13.41
N VAL A 18 20.51 43.30 12.95
CA VAL A 18 21.93 43.29 12.50
C VAL A 18 22.97 43.97 13.48
N PHE A 19 24.05 43.27 13.81
CA PHE A 19 25.11 43.72 14.72
C PHE A 19 26.51 43.70 14.10
N LYS A 20 27.32 44.67 14.47
CA LYS A 20 28.72 44.63 14.10
C LYS A 20 29.30 43.79 15.20
N ALA A 21 30.13 42.81 14.86
CA ALA A 21 30.77 42.03 15.96
C ALA A 21 32.22 41.67 15.68
N LYS A 22 32.87 41.10 16.66
CA LYS A 22 34.24 40.65 16.55
C LYS A 22 34.33 39.15 16.84
N ASN A 23 35.04 38.40 15.97
CA ASN A 23 35.38 36.98 16.20
C ASN A 23 36.38 36.93 17.31
N ARG A 24 36.06 36.22 18.40
CA ARG A 24 36.96 36.25 19.54
C ARG A 24 38.24 35.49 19.18
N GLU A 25 38.17 34.66 18.14
CA GLU A 25 39.29 33.76 17.87
C GLU A 25 40.34 34.35 16.89
N THR A 26 39.90 35.19 15.95
CA THR A 26 40.77 35.82 14.95
C THR A 26 40.83 37.35 15.09
N HIS A 27 39.91 37.88 15.90
CA HIS A 27 39.69 39.33 16.05
C HIS A 27 39.13 40.02 14.81
N GLU A 28 38.79 39.28 13.76
CA GLU A 28 38.15 39.87 12.61
C GLU A 28 36.75 40.42 12.95
N ILE A 29 36.38 41.53 12.29
CA ILE A 29 35.11 42.18 12.47
C ILE A 29 34.21 41.60 11.42
N VAL A 30 32.98 41.25 11.85
CA VAL A 30 31.97 40.69 10.96
C VAL A 30 30.61 41.39 11.18
N ALA A 31 29.62 41.09 10.33
CA ALA A 31 28.24 41.43 10.66
C ALA A 31 27.47 40.13 11.03
N LEU A 32 26.67 40.22 12.09
CA LEU A 32 25.81 39.12 12.56
C LEU A 32 24.34 39.51 12.37
N LYS A 33 23.62 38.73 11.58
CA LYS A 33 22.17 38.88 11.55
C LYS A 33 21.53 37.80 12.43
N ARG A 34 20.75 38.22 13.42
CA ARG A 34 20.03 37.30 14.26
C ARG A 34 18.60 37.07 13.77
N VAL A 35 18.21 35.80 13.72
CA VAL A 35 16.87 35.43 13.30
C VAL A 35 16.28 34.66 14.45
N ARG A 36 15.25 35.23 15.06
CA ARG A 36 14.54 34.60 16.16
C ARG A 36 13.70 33.47 15.60
N LEU A 37 13.83 32.30 16.23
CA LEU A 37 13.14 31.09 15.82
C LEU A 37 11.82 30.80 16.57
N ASP A 38 11.65 31.37 17.76
CA ASP A 38 10.40 31.26 18.52
C ASP A 38 9.56 32.53 18.47
N ASP A 39 9.52 33.19 17.31
CA ASP A 39 8.82 34.48 17.22
C ASP A 39 7.30 34.39 17.47
N ASP A 40 6.67 35.54 17.71
CA ASP A 40 5.21 35.67 17.94
C ASP A 40 4.57 35.81 16.54
N ASP A 41 5.31 36.48 15.66
CA ASP A 41 4.96 36.74 14.27
C ASP A 41 5.63 35.68 13.37
N GLU A 42 4.93 34.54 13.23
CA GLU A 42 5.19 33.54 12.19
C GLU A 42 5.77 34.13 10.89
N GLY A 43 6.72 33.43 10.25
CA GLY A 43 7.18 33.80 8.92
C GLY A 43 8.69 33.83 8.66
N VAL A 44 9.32 34.97 9.01
CA VAL A 44 10.77 35.22 9.14
C VAL A 44 11.73 34.04 8.89
N PRO A 45 11.70 32.96 9.68
CA PRO A 45 12.71 31.90 9.47
C PRO A 45 12.71 31.39 8.00
N SER A 46 11.52 31.23 7.43
CA SER A 46 11.31 30.81 6.06
C SER A 46 12.14 31.62 5.04
N SER A 47 12.14 32.94 5.19
CA SER A 47 12.88 33.77 4.30
C SER A 47 14.39 33.74 4.62
N ALA A 48 14.73 33.57 5.90
CA ALA A 48 16.12 33.45 6.29
C ALA A 48 16.72 32.17 5.64
N LEU A 49 15.93 31.08 5.66
CA LEU A 49 16.39 29.79 5.11
C LEU A 49 16.59 29.90 3.58
N ARG A 50 15.73 30.64 2.90
CA ARG A 50 15.90 30.82 1.51
C ARG A 50 17.14 31.67 1.24
N GLU A 51 17.32 32.67 2.08
CA GLU A 51 18.51 33.51 1.92
C GLU A 51 19.84 32.69 2.13
N ILE A 52 19.89 31.88 3.17
CA ILE A 52 21.05 30.99 3.40
C ILE A 52 21.28 30.06 2.19
N CYS A 53 20.23 29.46 1.64
CA CYS A 53 20.42 28.56 0.51
C CYS A 53 21.00 29.25 -0.72
N LEU A 54 20.49 30.43 -1.02
CA LEU A 54 20.95 31.16 -2.17
C LEU A 54 22.37 31.66 -1.94
N LEU A 55 22.60 32.25 -0.76
CA LEU A 55 23.86 32.91 -0.48
C LEU A 55 25.04 31.89 -0.40
N LYS A 56 24.77 30.64 0.00
CA LYS A 56 25.77 29.56 -0.05
C LYS A 56 26.24 29.27 -1.50
N GLU A 57 25.43 29.62 -2.47
CA GLU A 57 25.66 29.35 -3.87
C GLU A 57 26.05 30.65 -4.67
N LEU A 58 26.27 31.76 -3.97
CA LEU A 58 26.54 33.04 -4.62
C LEU A 58 27.75 33.71 -3.95
N LYS A 59 28.91 33.18 -4.30
CA LYS A 59 30.14 33.74 -3.77
C LYS A 59 30.80 34.61 -4.84
N HIS A 60 30.74 35.91 -4.64
CA HIS A 60 31.29 36.84 -5.60
C HIS A 60 31.66 38.09 -4.83
N LYS A 61 32.70 38.80 -5.26
CA LYS A 61 33.17 39.96 -4.49
C LYS A 61 32.10 41.06 -4.36
N ASN A 62 31.14 41.12 -5.28
CA ASN A 62 30.05 42.09 -5.20
C ASN A 62 28.71 41.55 -4.69
N ILE A 63 28.74 40.37 -4.09
CA ILE A 63 27.55 39.87 -3.43
C ILE A 63 27.96 39.72 -1.97
N VAL A 64 27.12 40.20 -1.06
CA VAL A 64 27.42 40.11 0.35
C VAL A 64 27.70 38.64 0.73
N ARG A 65 28.80 38.46 1.45
CA ARG A 65 29.35 37.19 1.68
C ARG A 65 28.89 36.62 2.99
N LEU A 66 28.17 35.52 2.92
CA LEU A 66 27.86 34.71 4.08
C LEU A 66 29.02 33.77 4.44
N HIS A 67 29.54 33.91 5.65
CA HIS A 67 30.64 33.09 6.13
C HIS A 67 30.16 31.85 6.82
N ASP A 68 29.01 31.94 7.54
CA ASP A 68 28.64 30.83 8.44
C ASP A 68 27.23 31.04 9.00
N VAL A 69 26.67 30.00 9.60
CA VAL A 69 25.34 30.07 10.12
C VAL A 69 25.42 29.31 11.41
N LEU A 70 25.01 29.93 12.51
CA LEU A 70 25.04 29.31 13.80
C LEU A 70 23.64 29.13 14.34
N HIS A 71 23.40 28.01 14.98
CA HIS A 71 22.10 27.72 15.54
C HIS A 71 22.31 27.55 17.04
N SER A 72 21.91 28.55 17.81
CA SER A 72 22.07 28.42 19.27
C SER A 72 20.99 29.21 19.93
N ASP A 73 20.55 28.74 21.09
CA ASP A 73 19.39 29.34 21.72
C ASP A 73 18.28 29.37 20.66
N LYS A 74 17.26 30.18 20.84
CA LYS A 74 16.09 30.03 19.94
C LYS A 74 16.38 30.97 18.78
N LYS A 75 17.63 30.96 18.29
CA LYS A 75 17.98 31.77 17.12
C LYS A 75 18.95 31.17 16.10
N LEU A 76 18.77 31.61 14.87
CA LEU A 76 19.70 31.45 13.78
C LEU A 76 20.62 32.69 13.74
N THR A 77 21.93 32.46 13.74
CA THR A 77 22.87 33.57 13.55
C THR A 77 23.64 33.52 12.22
N LEU A 78 23.28 34.39 11.28
CA LEU A 78 24.01 34.49 10.04
C LEU A 78 25.25 35.42 10.14
N VAL A 79 26.44 34.86 9.87
CA VAL A 79 27.68 35.67 9.92
C VAL A 79 28.05 36.13 8.52
N PHE A 80 28.10 37.45 8.30
CA PHE A 80 28.49 38.00 7.02
C PHE A 80 29.79 38.81 7.16
N GLU A 81 30.41 39.13 6.02
CA GLU A 81 31.48 40.12 5.99
C GLU A 81 30.84 41.43 6.46
N PHE A 82 31.62 42.28 7.10
CA PHE A 82 31.07 43.53 7.62
C PHE A 82 31.17 44.64 6.54
N CYS A 83 30.08 45.37 6.28
CA CYS A 83 30.15 46.59 5.50
C CYS A 83 29.59 47.75 6.33
N ASP A 84 30.28 48.88 6.26
CA ASP A 84 30.08 50.06 7.11
C ASP A 84 28.77 50.75 6.92
N GLN A 85 28.25 50.76 5.70
CA GLN A 85 27.08 51.52 5.36
C GLN A 85 26.27 50.97 4.19
N ASP A 86 25.06 51.43 4.05
CA ASP A 86 24.29 51.11 2.86
C ASP A 86 24.31 52.36 1.98
N LEU A 87 23.84 52.23 0.72
CA LEU A 87 23.87 53.35 -0.24
C LEU A 87 23.04 54.56 0.21
N LYS A 88 21.97 54.28 0.94
CA LYS A 88 21.17 55.36 1.53
C LYS A 88 22.01 56.21 2.46
N LYS A 89 22.76 55.61 3.40
CA LYS A 89 23.52 56.39 4.33
C LYS A 89 24.64 57.15 3.61
N TYR A 90 25.18 56.47 2.62
CA TYR A 90 26.23 56.99 1.79
C TYR A 90 25.71 58.25 1.11
N PHE A 91 24.48 58.23 0.57
CA PHE A 91 23.93 59.45 -0.06
C PHE A 91 23.88 60.59 0.97
N ASP A 92 23.41 60.26 2.18
CA ASP A 92 23.40 61.22 3.27
C ASP A 92 24.79 61.72 3.65
N SER A 93 25.80 60.84 3.68
CA SER A 93 27.15 61.27 4.06
C SER A 93 27.74 62.27 3.09
N CYS A 94 27.27 62.28 1.86
CA CYS A 94 28.04 63.09 0.92
C CYS A 94 27.13 64.05 0.18
N ASN A 95 26.07 64.49 0.86
CA ASN A 95 25.21 65.55 0.32
C ASN A 95 24.57 65.10 -0.98
N GLY A 96 24.43 63.78 -1.14
CA GLY A 96 23.89 63.15 -2.33
C GLY A 96 24.67 63.43 -3.60
N ASP A 97 25.97 63.73 -3.49
CA ASP A 97 26.76 64.30 -4.55
C ASP A 97 27.96 63.43 -4.88
N LEU A 98 27.81 62.47 -5.80
CA LEU A 98 28.92 61.59 -6.11
C LEU A 98 29.76 62.11 -7.23
N ASP A 99 31.07 61.98 -7.12
CA ASP A 99 31.95 62.23 -8.25
C ASP A 99 31.55 61.23 -9.32
N PRO A 100 31.60 61.63 -10.58
CA PRO A 100 31.26 60.76 -11.72
C PRO A 100 32.03 59.43 -11.79
N GLU A 101 33.25 59.40 -11.28
CA GLU A 101 34.01 58.17 -11.30
C GLU A 101 33.47 57.14 -10.28
N ILE A 102 33.02 57.66 -9.14
CA ILE A 102 32.33 56.84 -8.14
C ILE A 102 30.98 56.37 -8.64
N VAL A 103 30.21 57.26 -9.26
CA VAL A 103 28.98 56.83 -9.95
C VAL A 103 29.27 55.60 -10.82
N LYS A 104 30.27 55.71 -11.70
CA LYS A 104 30.63 54.66 -12.63
C LYS A 104 31.09 53.40 -11.90
N SER A 105 31.98 53.58 -10.92
CA SER A 105 32.43 52.49 -10.07
C SER A 105 31.29 51.73 -9.39
N PHE A 106 30.29 52.44 -8.84
CA PHE A 106 29.19 51.76 -8.10
C PHE A 106 28.28 51.00 -9.08
N LEU A 107 27.98 51.62 -10.24
CA LEU A 107 27.17 50.94 -11.24
C LEU A 107 27.90 49.69 -11.72
N PHE A 108 29.20 49.81 -11.96
CA PHE A 108 30.01 48.71 -12.44
C PHE A 108 29.93 47.47 -11.49
N GLN A 109 30.15 47.71 -10.21
CA GLN A 109 30.13 46.66 -9.21
C GLN A 109 28.75 46.10 -9.06
N LEU A 110 27.76 46.99 -9.09
CA LEU A 110 26.39 46.51 -9.04
C LEU A 110 26.10 45.55 -10.22
N LEU A 111 26.52 45.91 -11.43
CA LEU A 111 26.28 45.05 -12.60
C LEU A 111 27.05 43.72 -12.57
N LYS A 112 28.24 43.74 -12.00
CA LYS A 112 29.00 42.55 -11.84
C LYS A 112 28.31 41.59 -10.90
N GLY A 113 27.84 42.07 -9.75
CA GLY A 113 27.16 41.20 -8.77
C GLY A 113 25.85 40.65 -9.36
N LEU A 114 25.14 41.51 -10.06
CA LEU A 114 23.86 41.19 -10.65
C LEU A 114 24.06 40.23 -11.79
N GLY A 115 25.07 40.49 -12.62
CA GLY A 115 25.49 39.59 -13.65
C GLY A 115 25.79 38.16 -13.17
N PHE A 116 26.57 38.09 -12.09
CA PHE A 116 26.80 36.86 -11.37
C PHE A 116 25.50 36.16 -10.90
N CYS A 117 24.62 36.85 -10.17
CA CYS A 117 23.32 36.24 -9.81
C CYS A 117 22.57 35.65 -10.99
N HIS A 118 22.34 36.49 -12.03
CA HIS A 118 21.54 36.07 -13.19
C HIS A 118 22.19 34.86 -13.92
N SER A 119 23.52 34.85 -14.04
CA SER A 119 24.19 33.71 -14.70
C SER A 119 24.10 32.42 -13.82
N ARG A 120 23.79 32.59 -12.54
CA ARG A 120 23.58 31.46 -11.64
C ARG A 120 22.10 31.12 -11.54
N ASN A 121 21.27 31.80 -12.33
CA ASN A 121 19.82 31.57 -12.31
C ASN A 121 19.14 31.99 -11.01
N VAL A 122 19.56 33.11 -10.47
CA VAL A 122 18.92 33.73 -9.33
C VAL A 122 18.43 35.13 -9.69
N LEU A 123 17.18 35.41 -9.35
CA LEU A 123 16.62 36.76 -9.44
C LEU A 123 16.67 37.45 -8.06
N HIS A 124 17.16 38.69 -8.01
CA HIS A 124 17.27 39.38 -6.70
C HIS A 124 15.92 39.92 -6.29
N ARG A 125 15.21 40.62 -7.20
CA ARG A 125 13.85 41.14 -6.87
C ARG A 125 13.67 42.21 -5.81
N ASP A 126 14.72 42.72 -5.24
CA ASP A 126 14.55 43.79 -4.25
C ASP A 126 15.70 44.80 -4.32
N LEU A 127 16.15 45.11 -5.52
CA LEU A 127 17.19 46.07 -5.69
C LEU A 127 16.71 47.51 -5.35
N LYS A 128 17.33 48.10 -4.33
CA LYS A 128 17.03 49.46 -3.90
C LYS A 128 18.23 49.88 -3.08
N PRO A 129 18.43 51.19 -2.89
CA PRO A 129 19.66 51.68 -2.26
C PRO A 129 19.92 51.08 -0.87
N GLN A 130 18.90 50.79 -0.07
CA GLN A 130 19.20 50.17 1.22
C GLN A 130 19.65 48.67 1.12
N ASN A 131 19.51 48.05 -0.05
CA ASN A 131 20.01 46.69 -0.19
C ASN A 131 21.40 46.67 -0.84
N LEU A 132 22.03 47.83 -0.88
CA LEU A 132 23.33 47.90 -1.48
C LEU A 132 24.34 48.37 -0.45
N LEU A 133 25.36 47.55 -0.17
CA LEU A 133 26.31 47.84 0.90
C LEU A 133 27.60 48.33 0.33
N ILE A 134 28.22 49.30 1.01
CA ILE A 134 29.43 49.95 0.53
C ILE A 134 30.47 49.84 1.64
N ASN A 135 31.67 49.34 1.30
CA ASN A 135 32.87 49.27 2.19
C ASN A 135 33.55 50.55 2.31
N ARG A 136 34.35 50.73 3.37
CA ARG A 136 35.26 51.89 3.40
C ARG A 136 36.31 51.85 2.25
N ASN A 137 36.59 50.67 1.72
CA ASN A 137 37.41 50.55 0.50
C ASN A 137 36.72 50.92 -0.81
N GLY A 138 35.41 51.21 -0.78
CA GLY A 138 34.74 51.63 -1.99
C GLY A 138 34.09 50.47 -2.73
N GLU A 139 34.02 49.31 -2.08
CA GLU A 139 33.51 48.08 -2.68
C GLU A 139 32.03 48.01 -2.37
N LEU A 140 31.22 47.83 -3.41
CA LEU A 140 29.77 47.68 -3.25
C LEU A 140 29.38 46.20 -3.34
N LYS A 141 28.43 45.81 -2.51
CA LYS A 141 27.86 44.50 -2.50
C LYS A 141 26.32 44.51 -2.54
N LEU A 142 25.76 43.67 -3.41
CA LEU A 142 24.33 43.44 -3.39
C LEU A 142 24.06 42.64 -2.09
N ALA A 143 23.05 43.01 -1.32
CA ALA A 143 22.70 42.30 -0.09
C ALA A 143 21.23 42.05 -0.03
N ASN A 144 20.82 41.36 1.02
CA ASN A 144 19.43 41.17 1.34
C ASN A 144 18.67 40.38 0.24
N PHE A 145 18.98 39.10 0.22
CA PHE A 145 18.40 38.17 -0.72
C PHE A 145 17.11 37.53 -0.19
N GLY A 146 16.42 38.18 0.75
CA GLY A 146 15.20 37.63 1.36
C GLY A 146 14.04 37.50 0.38
N LEU A 147 14.13 38.21 -0.74
CA LEU A 147 13.02 38.23 -1.69
C LEU A 147 13.42 37.53 -2.98
N ALA A 148 14.65 37.02 -3.01
CA ALA A 148 15.26 36.45 -4.21
C ALA A 148 14.75 35.09 -4.48
N ARG A 149 14.96 34.64 -5.71
CA ARG A 149 14.68 33.26 -5.98
C ARG A 149 15.36 32.66 -7.19
N ALA A 150 15.60 31.37 -7.11
CA ALA A 150 16.02 30.59 -8.23
C ALA A 150 14.92 30.60 -9.29
N PHE A 151 15.34 30.54 -10.54
CA PHE A 151 14.39 30.39 -11.65
C PHE A 151 14.94 29.41 -12.64
N GLY A 152 14.08 28.94 -13.51
CA GLY A 152 14.39 27.98 -14.54
C GLY A 152 13.33 26.92 -14.70
N ILE A 153 12.74 26.51 -13.59
CA ILE A 153 11.73 25.46 -13.62
C ILE A 153 10.46 25.97 -14.31
N PRO A 154 9.62 25.08 -14.84
CA PRO A 154 8.39 25.54 -15.52
C PRO A 154 7.42 25.94 -14.42
N VAL A 155 6.91 27.17 -14.44
CA VAL A 155 5.90 27.53 -13.46
C VAL A 155 4.81 28.37 -14.10
N ARG A 156 3.60 28.25 -13.59
CA ARG A 156 2.49 29.05 -14.11
C ARG A 156 2.64 30.55 -13.81
N CYS A 157 3.38 30.93 -12.77
CA CYS A 157 3.60 32.34 -12.42
C CYS A 157 4.47 32.51 -11.17
N TYR A 158 4.94 33.72 -10.92
CA TYR A 158 5.69 34.06 -9.70
C TYR A 158 4.82 35.02 -8.88
N SER A 159 5.34 35.51 -7.75
CA SER A 159 4.54 36.51 -7.07
C SER A 159 4.54 37.78 -7.86
N ALA A 160 3.33 38.21 -8.16
CA ALA A 160 3.07 39.48 -8.83
C ALA A 160 3.51 40.68 -7.96
N GLU A 161 3.94 40.39 -6.71
CA GLU A 161 4.05 41.41 -5.66
C GLU A 161 5.43 41.43 -5.07
N VAL A 162 6.35 42.04 -5.83
CA VAL A 162 7.78 41.98 -5.55
C VAL A 162 8.42 43.26 -6.09
N VAL A 163 9.42 43.75 -5.36
CA VAL A 163 10.08 45.05 -5.59
C VAL A 163 9.29 46.14 -4.92
N THR A 164 9.89 46.94 -4.05
CA THR A 164 9.22 48.16 -3.60
C THR A 164 8.80 49.00 -4.82
N LEU A 165 7.64 49.65 -4.70
CA LEU A 165 6.99 50.29 -5.80
C LEU A 165 7.90 51.17 -6.67
N TRP A 166 8.74 51.99 -6.03
CA TRP A 166 9.52 52.97 -6.77
C TRP A 166 10.51 52.33 -7.71
N TYR A 167 10.80 51.03 -7.51
CA TYR A 167 11.84 50.32 -8.31
C TYR A 167 11.23 49.21 -9.17
N ARG A 168 9.90 49.13 -9.13
CA ARG A 168 9.18 48.12 -9.87
C ARG A 168 8.98 48.57 -11.35
N PRO A 169 9.25 47.67 -12.29
CA PRO A 169 9.09 47.95 -13.72
C PRO A 169 7.66 47.93 -14.21
N PRO A 170 7.41 48.59 -15.35
CA PRO A 170 6.04 48.73 -15.88
C PRO A 170 5.30 47.41 -16.13
N ASP A 171 5.98 46.35 -16.57
CA ASP A 171 5.27 45.10 -16.87
C ASP A 171 4.71 44.53 -15.54
N VAL A 172 5.53 44.63 -14.48
CA VAL A 172 5.13 44.15 -13.15
C VAL A 172 4.04 45.09 -12.62
N LEU A 173 4.17 46.39 -12.83
CA LEU A 173 3.07 47.29 -12.43
C LEU A 173 1.79 46.99 -13.17
N PHE A 174 1.92 46.51 -14.40
CA PHE A 174 0.75 46.11 -15.18
C PHE A 174 0.36 44.67 -14.80
N GLY A 175 1.03 44.12 -13.80
CA GLY A 175 0.64 42.82 -13.27
C GLY A 175 1.16 41.57 -13.97
N ALA A 176 2.26 41.72 -14.72
CA ALA A 176 2.86 40.55 -15.35
C ALA A 176 3.16 39.52 -14.26
N LYS A 177 2.66 38.28 -14.44
CA LYS A 177 2.94 37.17 -13.51
C LYS A 177 4.23 36.39 -13.80
N LEU A 178 4.75 36.48 -15.02
CA LEU A 178 6.06 35.94 -15.36
C LEU A 178 6.99 37.06 -15.79
N TYR A 179 8.22 36.98 -15.30
CA TYR A 179 9.24 37.92 -15.68
C TYR A 179 10.58 37.18 -15.52
N SER A 180 11.64 37.80 -16.06
CA SER A 180 12.92 37.14 -16.05
C SER A 180 13.90 38.06 -15.33
N THR A 181 15.18 37.89 -15.64
CA THR A 181 16.24 38.76 -15.12
C THR A 181 16.03 40.23 -15.42
N SER A 182 15.16 40.54 -16.38
CA SER A 182 14.76 41.91 -16.70
C SER A 182 14.26 42.75 -15.52
N ILE A 183 13.54 42.14 -14.60
CA ILE A 183 13.04 42.90 -13.42
C ILE A 183 14.14 43.61 -12.61
N ASP A 184 15.29 42.96 -12.48
CA ASP A 184 16.42 43.58 -11.77
C ASP A 184 17.16 44.64 -12.60
N MET A 185 17.15 44.48 -13.93
CA MET A 185 17.80 45.47 -14.79
C MET A 185 17.06 46.82 -14.72
N TRP A 186 15.72 46.80 -14.73
CA TRP A 186 14.90 47.98 -14.48
C TRP A 186 15.32 48.68 -13.18
N SER A 187 15.29 47.98 -12.05
CA SER A 187 15.68 48.51 -10.70
C SER A 187 17.15 49.05 -10.70
N ALA A 188 18.02 48.43 -11.49
CA ALA A 188 19.39 48.88 -11.59
C ALA A 188 19.45 50.21 -12.31
N GLY A 189 18.57 50.41 -13.31
CA GLY A 189 18.44 51.67 -14.00
C GLY A 189 17.92 52.76 -13.09
N CYS A 190 16.91 52.47 -12.27
CA CYS A 190 16.46 53.42 -11.27
C CYS A 190 17.58 53.90 -10.34
N ILE A 191 18.41 52.97 -9.89
CA ILE A 191 19.50 53.28 -8.95
C ILE A 191 20.56 54.09 -9.64
N PHE A 192 20.90 53.71 -10.88
CA PHE A 192 21.81 54.49 -11.71
C PHE A 192 21.38 55.94 -11.78
N ALA A 193 20.10 56.19 -12.02
CA ALA A 193 19.56 57.55 -12.00
C ALA A 193 19.78 58.30 -10.66
N GLU A 194 19.68 57.61 -9.51
CA GLU A 194 19.93 58.25 -8.19
C GLU A 194 21.40 58.70 -8.02
N LEU A 195 22.27 57.78 -8.40
CA LEU A 195 23.72 57.95 -8.33
C LEU A 195 24.12 59.15 -9.19
N ALA A 196 23.55 59.21 -10.38
CA ALA A 196 23.89 60.22 -11.38
C ALA A 196 23.25 61.61 -11.15
N ASN A 197 22.50 61.78 -10.05
CA ASN A 197 21.85 63.07 -9.78
C ASN A 197 22.20 63.57 -8.37
N ALA A 198 21.41 63.18 -7.39
CA ALA A 198 21.48 63.89 -6.10
C ALA A 198 20.96 62.83 -5.13
N GLY A 199 20.92 61.59 -5.63
CA GLY A 199 20.58 60.44 -4.85
C GLY A 199 19.12 60.32 -4.39
N ARG A 200 18.17 60.93 -5.13
CA ARG A 200 16.76 60.81 -4.76
C ARG A 200 16.08 59.84 -5.79
N PRO A 201 15.09 59.07 -5.36
CA PRO A 201 14.37 58.19 -6.29
C PRO A 201 13.88 58.97 -7.51
N LEU A 202 14.16 58.41 -8.68
CA LEU A 202 13.68 58.96 -9.92
C LEU A 202 12.16 58.96 -10.01
N PHE A 203 11.52 57.88 -9.55
CA PHE A 203 10.09 57.68 -9.76
C PHE A 203 9.37 57.42 -8.44
N PRO A 204 9.23 58.40 -7.57
CA PRO A 204 8.60 58.14 -6.26
C PRO A 204 7.06 58.19 -6.34
N GLY A 205 6.42 57.22 -6.99
CA GLY A 205 4.95 57.23 -7.00
C GLY A 205 4.28 56.90 -5.66
N ASN A 206 3.09 57.44 -5.41
CA ASN A 206 2.32 57.06 -4.23
C ASN A 206 1.47 55.81 -4.36
N ASP A 207 1.25 55.30 -5.57
CA ASP A 207 0.50 54.05 -5.77
C ASP A 207 0.87 53.61 -7.18
N VAL A 208 0.26 52.51 -7.64
CA VAL A 208 0.60 51.88 -8.91
C VAL A 208 0.34 52.82 -10.09
N ASP A 209 -0.82 53.43 -10.10
CA ASP A 209 -1.26 54.31 -11.18
C ASP A 209 -0.33 55.49 -11.31
N ASP A 210 -0.12 56.16 -10.19
CA ASP A 210 0.89 57.20 -10.08
C ASP A 210 2.29 56.78 -10.50
N GLN A 211 2.72 55.59 -10.11
CA GLN A 211 4.02 55.12 -10.55
C GLN A 211 4.19 54.99 -12.09
N LEU A 212 3.25 54.30 -12.74
CA LEU A 212 3.21 54.20 -14.19
C LEU A 212 3.18 55.57 -14.90
N LYS A 213 2.35 56.47 -14.42
CA LYS A 213 2.37 57.84 -14.90
C LYS A 213 3.76 58.52 -14.78
N ARG A 214 4.47 58.29 -13.69
CA ARG A 214 5.77 58.97 -13.51
C ARG A 214 6.77 58.47 -14.49
N ILE A 215 6.71 57.16 -14.74
CA ILE A 215 7.56 56.49 -15.70
C ILE A 215 7.24 56.99 -17.15
N PHE A 216 5.98 56.85 -17.59
CA PHE A 216 5.61 57.23 -18.97
C PHE A 216 5.86 58.73 -19.28
N ARG A 217 5.63 59.54 -18.26
CA ARG A 217 5.72 60.99 -18.39
C ARG A 217 7.18 61.38 -18.71
N LEU A 218 8.14 60.66 -18.10
CA LEU A 218 9.55 60.89 -18.40
C LEU A 218 10.02 60.18 -19.70
N LEU A 219 9.60 58.94 -19.92
CA LEU A 219 10.26 58.08 -20.89
C LEU A 219 9.45 58.04 -22.15
N GLY A 220 8.20 58.53 -22.09
CA GLY A 220 7.27 58.29 -23.16
C GLY A 220 6.42 57.06 -22.90
N THR A 221 5.20 57.13 -23.38
CA THR A 221 4.36 55.95 -23.30
C THR A 221 4.69 54.95 -24.42
N PRO A 222 4.86 53.67 -24.11
CA PRO A 222 5.18 52.69 -25.13
C PRO A 222 3.99 52.49 -26.06
N THR A 223 4.26 52.42 -27.35
CA THR A 223 3.24 52.12 -28.33
C THR A 223 3.13 50.62 -28.48
N GLU A 224 2.20 50.21 -29.32
CA GLU A 224 1.85 48.82 -29.60
C GLU A 224 3.00 48.16 -30.33
N GLU A 225 3.67 48.91 -31.19
CA GLU A 225 4.81 48.38 -31.94
C GLU A 225 6.06 48.15 -31.11
N GLN A 226 6.28 48.96 -30.08
CA GLN A 226 7.43 48.75 -29.24
C GLN A 226 7.17 47.68 -28.20
N TRP A 227 5.87 47.42 -27.94
CA TRP A 227 5.45 46.58 -26.84
C TRP A 227 4.13 45.93 -27.13
N PRO A 228 4.16 44.98 -28.08
CA PRO A 228 2.94 44.41 -28.64
C PRO A 228 2.09 43.70 -27.62
N SER A 229 2.70 43.04 -26.66
CA SER A 229 1.93 42.29 -25.68
C SER A 229 1.49 43.12 -24.46
N MET A 230 1.77 44.43 -24.43
CA MET A 230 1.40 45.33 -23.32
C MET A 230 -0.09 45.31 -22.92
N THR A 231 -0.98 45.59 -23.87
CA THR A 231 -2.42 45.68 -23.61
C THR A 231 -2.99 44.34 -23.21
N LYS A 232 -2.19 43.30 -23.21
CA LYS A 232 -2.73 41.98 -22.87
C LYS A 232 -2.43 41.60 -21.43
N LEU A 233 -1.64 42.40 -20.75
CA LEU A 233 -1.24 42.08 -19.40
C LEU A 233 -2.44 42.13 -18.40
N PRO A 234 -2.36 41.37 -17.30
CA PRO A 234 -3.53 41.22 -16.41
C PRO A 234 -4.10 42.54 -15.87
N ASP A 235 -3.23 43.49 -15.52
CA ASP A 235 -3.70 44.75 -14.95
C ASP A 235 -3.43 45.91 -15.88
N TYR A 236 -3.42 45.64 -17.17
CA TYR A 236 -3.30 46.70 -18.14
C TYR A 236 -4.53 47.61 -18.10
N LYS A 237 -4.26 48.89 -18.30
CA LYS A 237 -5.25 49.93 -18.37
C LYS A 237 -4.68 51.00 -19.33
N PRO A 238 -5.52 51.67 -20.13
CA PRO A 238 -5.04 52.76 -20.99
C PRO A 238 -4.46 53.95 -20.23
N TYR A 239 -3.28 54.34 -20.67
CA TYR A 239 -2.55 55.46 -20.12
C TYR A 239 -2.56 56.55 -21.20
N PRO A 240 -2.40 57.82 -20.84
CA PRO A 240 -2.19 58.86 -21.84
C PRO A 240 -0.89 58.59 -22.57
N MET A 241 -0.76 59.15 -23.77
CA MET A 241 0.42 58.98 -24.61
C MET A 241 1.26 60.18 -24.29
N TYR A 242 2.28 59.99 -23.48
CA TYR A 242 3.25 61.05 -23.21
C TYR A 242 4.34 60.95 -24.27
N PRO A 243 4.90 62.06 -24.72
CA PRO A 243 5.87 61.98 -25.84
C PRO A 243 7.21 61.38 -25.44
N ALA A 244 7.87 60.72 -26.41
CA ALA A 244 9.19 60.12 -26.25
C ALA A 244 10.31 61.15 -26.38
N THR A 245 9.95 62.44 -26.47
CA THR A 245 10.94 63.45 -26.82
C THR A 245 11.52 64.18 -25.64
N THR A 246 11.21 63.75 -24.41
CA THR A 246 11.65 64.56 -23.28
C THR A 246 13.11 64.24 -23.01
N SER A 247 13.94 65.26 -22.87
CA SER A 247 15.38 65.14 -22.63
C SER A 247 15.62 64.57 -21.24
N LEU A 248 16.62 63.68 -21.15
CA LEU A 248 17.08 63.13 -19.88
C LEU A 248 18.22 63.96 -19.22
N VAL A 249 18.71 64.96 -19.94
CA VAL A 249 19.91 65.71 -19.51
C VAL A 249 19.92 66.26 -18.07
N ASN A 250 18.85 66.89 -17.64
CA ASN A 250 18.76 67.50 -16.31
C ASN A 250 18.36 66.47 -15.23
N VAL A 251 17.84 65.34 -15.66
CA VAL A 251 17.47 64.23 -14.81
C VAL A 251 18.70 63.51 -14.27
N VAL A 252 19.73 63.38 -15.09
CA VAL A 252 21.01 62.75 -14.71
C VAL A 252 22.23 63.59 -15.13
N PRO A 253 22.42 64.75 -14.48
CA PRO A 253 23.51 65.66 -14.83
C PRO A 253 24.93 65.12 -14.70
N LYS A 254 25.20 64.07 -13.92
CA LYS A 254 26.61 63.61 -13.81
C LYS A 254 27.00 62.84 -15.06
N LEU A 255 26.04 62.60 -15.95
CA LEU A 255 26.24 61.69 -17.06
C LEU A 255 26.36 62.44 -18.39
N ASN A 256 27.31 62.01 -19.22
CA ASN A 256 27.35 62.49 -20.59
C ASN A 256 26.45 61.60 -21.44
N ALA A 257 26.46 61.84 -22.74
CA ALA A 257 25.63 61.10 -23.69
C ALA A 257 25.83 59.57 -23.58
N THR A 258 27.05 59.17 -23.30
CA THR A 258 27.35 57.77 -23.14
C THR A 258 26.63 57.10 -21.94
N GLY A 259 26.56 57.76 -20.79
CA GLY A 259 25.86 57.24 -19.62
C GLY A 259 24.35 57.30 -19.86
N ARG A 260 23.86 58.38 -20.49
CA ARG A 260 22.40 58.53 -20.77
C ARG A 260 21.91 57.39 -21.65
N ASP A 261 22.65 57.07 -22.70
CA ASP A 261 22.42 55.83 -23.48
C ASP A 261 22.30 54.51 -22.67
N LEU A 262 23.28 54.22 -21.84
CA LEU A 262 23.17 53.10 -20.91
C LEU A 262 21.90 53.20 -20.02
N LEU A 263 21.60 54.38 -19.48
CA LEU A 263 20.42 54.50 -18.64
C LEU A 263 19.15 54.13 -19.40
N GLN A 264 19.01 54.67 -20.63
CA GLN A 264 17.83 54.35 -21.44
C GLN A 264 17.81 52.81 -21.81
N ASN A 265 18.99 52.17 -21.95
CA ASN A 265 18.99 50.73 -22.20
C ASN A 265 18.47 49.92 -21.02
N LEU A 266 18.65 50.43 -19.79
CA LEU A 266 18.22 49.75 -18.59
C LEU A 266 16.74 50.07 -18.36
N LEU A 267 16.38 51.34 -18.61
CA LEU A 267 15.01 51.77 -18.42
C LEU A 267 14.10 51.60 -19.65
N LYS A 268 14.12 50.45 -20.29
CA LYS A 268 13.17 50.17 -21.38
C LYS A 268 11.96 49.56 -20.71
N CYS A 269 10.78 50.05 -21.06
CA CYS A 269 9.52 49.59 -20.47
C CYS A 269 9.22 48.14 -20.82
N ASN A 270 9.40 47.77 -22.10
CA ASN A 270 9.21 46.38 -22.55
C ASN A 270 10.39 45.60 -21.99
N PRO A 271 10.12 44.65 -21.10
CA PRO A 271 11.21 43.89 -20.44
C PRO A 271 12.14 43.17 -21.44
N VAL A 272 11.59 42.72 -22.57
CA VAL A 272 12.39 41.92 -23.50
C VAL A 272 13.43 42.81 -24.18
N GLN A 273 13.24 44.12 -24.12
CA GLN A 273 14.17 45.10 -24.73
C GLN A 273 15.21 45.60 -23.75
N ARG A 274 15.09 45.27 -22.46
CA ARG A 274 16.08 45.73 -21.45
C ARG A 274 17.45 45.08 -21.66
N ILE A 275 18.51 45.85 -21.56
CA ILE A 275 19.86 45.32 -21.72
C ILE A 275 20.13 44.39 -20.53
N SER A 276 20.85 43.31 -20.77
CA SER A 276 21.22 42.38 -19.67
C SER A 276 22.41 42.91 -18.90
N ALA A 277 22.65 42.39 -17.70
CA ALA A 277 23.81 42.84 -16.94
C ALA A 277 25.13 42.64 -17.73
N GLU A 278 25.26 41.51 -18.39
CA GLU A 278 26.47 41.19 -19.11
C GLU A 278 26.73 42.15 -20.30
N GLU A 279 25.69 42.43 -21.09
CA GLU A 279 25.80 43.39 -22.15
C GLU A 279 26.08 44.76 -21.57
N ALA A 280 25.43 45.12 -20.49
CA ALA A 280 25.64 46.46 -19.94
C ALA A 280 27.10 46.62 -19.56
N LEU A 281 27.74 45.55 -19.08
CA LEU A 281 29.16 45.61 -18.69
C LEU A 281 30.11 45.81 -19.89
N GLN A 282 29.62 45.57 -21.13
CA GLN A 282 30.38 45.74 -22.39
C GLN A 282 30.01 47.05 -23.03
N HIS A 283 29.09 47.78 -22.41
CA HIS A 283 28.73 49.10 -22.93
C HIS A 283 29.94 50.10 -22.91
N PRO A 284 30.02 51.01 -23.88
CA PRO A 284 31.08 52.03 -23.90
C PRO A 284 31.20 52.91 -22.64
N TYR A 285 30.15 53.12 -21.86
CA TYR A 285 30.29 53.79 -20.57
C TYR A 285 31.38 53.21 -19.65
N PHE A 286 31.66 51.89 -19.76
CA PHE A 286 32.66 51.23 -18.92
C PHE A 286 33.93 50.96 -19.68
N SER A 287 34.05 51.58 -20.84
CA SER A 287 35.09 51.22 -21.80
C SER A 287 36.49 51.35 -21.24
N ASP A 288 36.74 52.44 -20.56
CA ASP A 288 38.12 52.62 -20.12
C ASP A 288 38.15 52.03 -18.71
N PHE A 289 37.81 52.87 -17.75
CA PHE A 289 37.58 52.42 -16.40
C PHE A 289 38.73 51.61 -15.81
N CYS A 290 38.49 50.87 -14.72
CA CYS A 290 39.62 50.24 -14.04
C CYS A 290 39.40 48.81 -13.55
N PRO A 291 38.56 48.62 -12.52
CA PRO A 291 38.24 47.28 -11.98
C PRO A 291 37.99 46.08 -12.95
N PRO A 292 37.86 46.24 -14.29
CA PRO A 292 38.01 45.07 -15.19
C PRO A 292 39.39 44.42 -15.05
N GLN B 2 7.59 -33.07 23.51
CA GLN B 2 6.34 -33.84 23.28
C GLN B 2 5.11 -33.13 23.84
N LYS B 3 5.06 -32.94 25.16
CA LYS B 3 3.89 -32.35 25.82
C LYS B 3 3.63 -30.94 25.28
N TYR B 4 2.36 -30.55 25.24
CA TYR B 4 2.02 -29.30 24.60
C TYR B 4 1.38 -28.31 25.58
N GLU B 5 1.46 -27.02 25.24
CA GLU B 5 0.84 -25.97 26.04
C GLU B 5 -0.22 -25.21 25.24
N LYS B 6 -1.48 -25.35 25.66
CA LYS B 6 -2.57 -24.56 25.12
C LYS B 6 -2.27 -23.06 25.26
N LEU B 7 -2.67 -22.26 24.27
CA LEU B 7 -2.41 -20.82 24.31
C LEU B 7 -3.73 -20.03 24.33
N GLU B 8 -4.63 -20.36 23.40
CA GLU B 8 -5.88 -19.59 23.18
C GLU B 8 -6.80 -20.37 22.24
N LYS B 9 -8.05 -19.91 22.10
CA LYS B 9 -9.07 -20.72 21.43
C LYS B 9 -9.77 -20.09 20.20
N THR B 17 -12.32 -26.38 21.68
CA THR B 17 -12.14 -27.62 20.90
C THR B 17 -10.92 -27.62 19.98
N VAL B 18 -10.47 -26.43 19.53
CA VAL B 18 -9.18 -26.23 18.80
C VAL B 18 -8.35 -25.08 19.44
N PHE B 19 -7.01 -25.19 19.40
CA PHE B 19 -6.13 -24.35 20.21
C PHE B 19 -4.84 -24.02 19.47
N LYS B 20 -4.28 -22.84 19.72
CA LYS B 20 -3.03 -22.46 19.09
C LYS B 20 -1.80 -22.84 19.95
N ALA B 21 -1.84 -24.05 20.52
CA ALA B 21 -0.75 -24.62 21.34
C ALA B 21 0.64 -23.98 21.18
N ILE B 29 5.14 -23.96 17.18
CA ILE B 29 3.76 -23.44 17.10
C ILE B 29 2.84 -24.28 16.20
N VAL B 30 1.79 -24.85 16.79
CA VAL B 30 0.93 -25.75 16.07
C VAL B 30 -0.53 -25.56 16.49
N ALA B 31 -1.43 -26.27 15.83
CA ALA B 31 -2.83 -26.25 16.22
C ALA B 31 -3.21 -27.59 16.81
N LEU B 32 -3.63 -27.59 18.08
CA LEU B 32 -4.20 -28.81 18.66
C LEU B 32 -5.70 -28.86 18.41
N LYS B 33 -6.27 -30.05 18.42
CA LYS B 33 -7.71 -30.23 18.34
C LYS B 33 -8.06 -31.37 19.27
N ARG B 34 -8.97 -31.15 20.19
CA ARG B 34 -9.21 -32.12 21.26
C ARG B 34 -10.59 -32.74 21.18
N VAL B 35 -10.71 -33.99 21.63
CA VAL B 35 -11.97 -34.72 21.50
C VAL B 35 -12.30 -35.55 22.75
N ARG B 36 -13.41 -35.24 23.41
CA ARG B 36 -13.88 -36.04 24.57
C ARG B 36 -14.60 -37.32 24.11
N LEU B 37 -14.49 -38.36 24.95
CA LEU B 37 -15.01 -39.69 24.64
C LEU B 37 -16.29 -40.07 25.40
N ASP B 38 -17.41 -39.82 24.72
CA ASP B 38 -18.80 -40.06 25.17
C ASP B 38 -19.73 -39.34 24.17
N GLY B 43 -20.33 -40.72 21.63
CA GLY B 43 -21.19 -39.69 21.06
C GLY B 43 -20.53 -38.45 20.46
N VAL B 44 -19.28 -38.62 19.95
CA VAL B 44 -18.54 -37.69 19.04
C VAL B 44 -17.44 -38.43 18.23
N PRO B 45 -16.80 -39.44 18.86
CA PRO B 45 -15.40 -39.85 18.44
C PRO B 45 -15.45 -40.63 17.11
N SER B 46 -16.60 -41.22 16.79
CA SER B 46 -16.80 -41.86 15.50
C SER B 46 -16.14 -41.09 14.37
N SER B 47 -16.29 -39.77 14.41
CA SER B 47 -15.98 -38.86 13.30
C SER B 47 -14.52 -38.53 13.19
N ALA B 48 -13.93 -38.22 14.34
CA ALA B 48 -12.52 -37.86 14.47
C ALA B 48 -11.62 -39.03 14.05
N LEU B 49 -12.08 -40.24 14.37
CA LEU B 49 -11.40 -41.47 13.94
C LEU B 49 -11.30 -41.58 12.41
N ARG B 50 -12.43 -41.36 11.73
CA ARG B 50 -12.47 -41.27 10.27
C ARG B 50 -11.60 -40.12 9.77
N GLU B 51 -11.69 -38.97 10.41
CA GLU B 51 -10.93 -37.80 9.99
C GLU B 51 -9.42 -38.13 9.95
N ILE B 52 -8.95 -38.80 11.01
CA ILE B 52 -7.54 -39.19 11.15
C ILE B 52 -7.12 -40.13 10.01
N CYS B 53 -7.90 -41.20 9.85
CA CYS B 53 -7.68 -42.20 8.78
C CYS B 53 -7.47 -41.48 7.46
N LEU B 54 -8.38 -40.55 7.15
CA LEU B 54 -8.36 -39.84 5.87
C LEU B 54 -7.16 -38.92 5.75
N LEU B 55 -6.97 -38.05 6.75
CA LEU B 55 -5.90 -37.05 6.75
C LEU B 55 -4.49 -37.71 6.73
N LYS B 56 -4.36 -38.84 7.43
CA LYS B 56 -3.16 -39.70 7.32
C LYS B 56 -2.86 -40.21 5.91
N GLU B 57 -3.82 -40.08 4.99
CA GLU B 57 -3.56 -40.47 3.61
C GLU B 57 -3.67 -39.27 2.68
N LEU B 58 -3.85 -38.08 3.26
CA LEU B 58 -4.09 -36.87 2.47
C LEU B 58 -3.04 -35.83 2.79
N LYS B 59 -1.90 -35.92 2.11
CA LYS B 59 -0.81 -34.96 2.33
C LYS B 59 -0.60 -34.12 1.07
N HIS B 60 -1.06 -32.90 1.11
CA HIS B 60 -0.90 -31.97 0.01
C HIS B 60 -0.72 -30.63 0.72
N LYS B 61 -0.06 -29.71 0.05
CA LYS B 61 0.27 -28.45 0.69
C LYS B 61 -0.98 -27.63 0.89
N ASN B 62 -2.06 -28.01 0.21
CA ASN B 62 -3.33 -27.31 0.34
C ASN B 62 -4.36 -28.10 1.11
N ILE B 63 -3.88 -28.98 1.98
CA ILE B 63 -4.73 -29.69 2.94
C ILE B 63 -4.04 -29.59 4.31
N VAL B 64 -4.71 -28.95 5.25
CA VAL B 64 -4.13 -28.83 6.58
C VAL B 64 -3.36 -30.15 6.98
N ARG B 65 -2.05 -30.10 7.10
CA ARG B 65 -1.30 -31.30 7.47
C ARG B 65 -1.52 -31.70 8.93
N LEU B 66 -1.88 -32.96 9.13
CA LEU B 66 -1.90 -33.54 10.47
C LEU B 66 -0.51 -34.13 10.74
N HIS B 67 0.12 -33.69 11.83
CA HIS B 67 1.45 -34.11 12.21
C HIS B 67 1.37 -35.28 13.19
N ASP B 68 0.35 -35.28 14.05
CA ASP B 68 0.28 -36.29 15.11
C ASP B 68 -1.05 -36.55 15.80
N VAL B 69 -1.12 -37.67 16.51
CA VAL B 69 -2.35 -38.13 17.15
C VAL B 69 -2.03 -38.66 18.52
N LEU B 70 -2.41 -37.93 19.56
CA LEU B 70 -2.08 -38.35 20.92
C LEU B 70 -3.31 -38.78 21.70
N HIS B 71 -3.11 -39.74 22.60
CA HIS B 71 -4.17 -40.27 23.44
C HIS B 71 -3.76 -40.20 24.90
N SER B 72 -4.30 -39.21 25.62
CA SER B 72 -4.05 -39.06 27.05
C SER B 72 -5.29 -38.54 27.78
N ASP B 73 -5.54 -39.11 28.96
CA ASP B 73 -6.58 -38.67 29.89
C ASP B 73 -7.91 -38.33 29.21
N LYS B 74 -8.57 -39.35 28.66
CA LYS B 74 -9.89 -39.22 28.05
C LYS B 74 -9.99 -38.34 26.79
N LYS B 75 -8.87 -37.84 26.26
CA LYS B 75 -8.98 -36.86 25.16
C LYS B 75 -8.29 -37.60 24.01
N LEU B 76 -8.46 -37.09 22.80
CA LEU B 76 -7.85 -37.67 21.61
C LEU B 76 -7.20 -36.56 20.76
N THR B 77 -6.29 -35.82 21.38
CA THR B 77 -5.61 -34.67 20.77
C THR B 77 -5.09 -34.92 19.35
N LEU B 78 -5.73 -34.32 18.33
CA LEU B 78 -5.14 -34.18 16.99
C LEU B 78 -4.24 -32.93 16.93
N VAL B 79 -3.12 -33.05 16.22
CA VAL B 79 -2.07 -32.03 16.20
C VAL B 79 -1.92 -31.60 14.75
N PHE B 80 -2.18 -30.33 14.46
CA PHE B 80 -2.12 -29.85 13.09
C PHE B 80 -1.04 -28.81 12.93
N GLU B 81 -0.60 -28.60 11.70
CA GLU B 81 0.10 -27.37 11.37
C GLU B 81 -0.83 -26.23 11.75
N PHE B 82 -0.27 -25.14 12.25
CA PHE B 82 -1.10 -23.98 12.55
C PHE B 82 -1.27 -23.11 11.33
N CYS B 83 -2.51 -22.65 11.12
CA CYS B 83 -2.83 -21.60 10.17
C CYS B 83 -3.37 -20.37 10.90
N ASP B 84 -3.01 -19.21 10.38
CA ASP B 84 -3.24 -17.91 11.00
C ASP B 84 -4.74 -17.54 11.16
N GLN B 85 -5.53 -17.66 10.10
CA GLN B 85 -6.94 -17.27 10.17
C GLN B 85 -7.78 -18.13 9.21
N ASP B 86 -9.12 -18.03 9.32
CA ASP B 86 -9.99 -18.63 8.30
C ASP B 86 -10.41 -17.60 7.24
N LEU B 87 -11.08 -18.05 6.18
CA LEU B 87 -11.52 -17.14 5.12
C LEU B 87 -12.54 -16.16 5.67
N LYS B 88 -13.26 -16.63 6.69
CA LYS B 88 -14.26 -15.80 7.32
C LYS B 88 -13.65 -14.57 7.98
N LYS B 89 -12.65 -14.76 8.85
CA LYS B 89 -11.91 -13.64 9.45
C LYS B 89 -11.12 -12.85 8.38
N TYR B 90 -10.69 -13.56 7.32
CA TYR B 90 -9.95 -12.88 6.28
C TYR B 90 -10.83 -11.82 5.58
N PHE B 91 -12.08 -12.18 5.25
CA PHE B 91 -13.10 -11.20 4.81
C PHE B 91 -13.25 -9.95 5.70
N ASP B 92 -13.37 -10.15 7.01
CA ASP B 92 -13.49 -9.05 7.97
C ASP B 92 -12.28 -8.15 8.07
N SER B 93 -11.12 -8.75 7.79
CA SER B 93 -9.82 -8.05 7.80
C SER B 93 -9.60 -7.03 6.66
N CYS B 94 -10.34 -7.16 5.58
CA CYS B 94 -10.08 -6.41 4.36
C CYS B 94 -11.37 -5.89 3.72
N ASN B 95 -12.38 -5.64 4.55
CA ASN B 95 -13.61 -4.99 4.11
C ASN B 95 -14.32 -5.88 3.09
N GLY B 96 -14.13 -7.18 3.20
CA GLY B 96 -14.68 -8.13 2.25
C GLY B 96 -14.18 -7.88 0.84
N ASP B 97 -13.07 -7.15 0.73
CA ASP B 97 -12.59 -6.62 -0.55
C ASP B 97 -11.22 -7.16 -1.05
N LEU B 98 -11.27 -8.22 -1.83
CA LEU B 98 -10.05 -8.83 -2.37
C LEU B 98 -9.66 -8.23 -3.72
N ASP B 99 -8.37 -8.03 -3.92
CA ASP B 99 -7.83 -7.76 -5.23
C ASP B 99 -8.24 -8.90 -6.18
N PRO B 100 -8.69 -8.56 -7.39
CA PRO B 100 -9.09 -9.57 -8.38
C PRO B 100 -8.05 -10.67 -8.60
N GLU B 101 -6.77 -10.44 -8.37
CA GLU B 101 -5.74 -11.50 -8.49
C GLU B 101 -5.63 -12.38 -7.23
N ILE B 102 -6.18 -11.88 -6.11
CA ILE B 102 -6.29 -12.64 -4.88
C ILE B 102 -7.46 -13.64 -4.98
N VAL B 103 -8.55 -13.25 -5.63
CA VAL B 103 -9.68 -14.14 -5.88
C VAL B 103 -9.17 -15.37 -6.63
N LYS B 104 -8.44 -15.10 -7.72
CA LYS B 104 -7.92 -16.13 -8.59
C LYS B 104 -6.99 -17.06 -7.80
N SER B 105 -6.18 -16.47 -6.92
CA SER B 105 -5.21 -17.25 -6.19
C SER B 105 -5.89 -18.12 -5.13
N PHE B 106 -6.94 -17.59 -4.49
CA PHE B 106 -7.63 -18.36 -3.47
C PHE B 106 -8.42 -19.52 -4.12
N LEU B 107 -9.06 -19.23 -5.25
CA LEU B 107 -9.86 -20.23 -5.97
C LEU B 107 -8.94 -21.32 -6.55
N PHE B 108 -7.79 -20.87 -7.12
CA PHE B 108 -6.79 -21.78 -7.67
C PHE B 108 -6.35 -22.78 -6.61
N GLN B 109 -6.01 -22.29 -5.43
CA GLN B 109 -5.51 -23.15 -4.37
C GLN B 109 -6.61 -24.04 -3.79
N LEU B 110 -7.85 -23.52 -3.72
CA LEU B 110 -8.98 -24.37 -3.35
C LEU B 110 -9.17 -25.48 -4.34
N LEU B 111 -9.14 -25.15 -5.63
CA LEU B 111 -9.35 -26.16 -6.66
C LEU B 111 -8.29 -27.26 -6.64
N LYS B 112 -7.03 -26.87 -6.35
CA LYS B 112 -5.91 -27.77 -6.23
C LYS B 112 -5.99 -28.70 -5.03
N GLY B 113 -6.44 -28.19 -3.88
CA GLY B 113 -6.66 -29.05 -2.73
C GLY B 113 -7.86 -29.98 -2.92
N LEU B 114 -8.90 -29.45 -3.58
CA LEU B 114 -10.10 -30.25 -3.86
C LEU B 114 -9.79 -31.25 -4.92
N GLY B 115 -9.10 -30.78 -5.96
CA GLY B 115 -8.65 -31.64 -7.06
C GLY B 115 -7.90 -32.82 -6.50
N PHE B 116 -7.02 -32.55 -5.55
CA PHE B 116 -6.16 -33.59 -5.02
C PHE B 116 -6.99 -34.63 -4.29
N CYS B 117 -7.87 -34.16 -3.38
CA CYS B 117 -8.84 -34.98 -2.65
C CYS B 117 -9.67 -35.95 -3.48
N HIS B 118 -10.23 -35.39 -4.54
CA HIS B 118 -11.14 -36.07 -5.41
C HIS B 118 -10.34 -37.17 -6.13
N SER B 119 -9.09 -36.88 -6.45
CA SER B 119 -8.24 -37.82 -7.16
C SER B 119 -7.76 -38.97 -6.26
N ARG B 120 -7.88 -38.77 -4.95
CA ARG B 120 -7.40 -39.71 -3.93
C ARG B 120 -8.60 -40.42 -3.33
N ASN B 121 -9.74 -40.28 -4.01
CA ASN B 121 -11.03 -40.87 -3.65
C ASN B 121 -11.72 -40.43 -2.37
N VAL B 122 -11.65 -39.13 -2.10
CA VAL B 122 -12.19 -38.60 -0.86
C VAL B 122 -13.11 -37.45 -1.18
N LEU B 123 -14.30 -37.47 -0.57
CA LEU B 123 -15.18 -36.35 -0.68
C LEU B 123 -15.06 -35.53 0.59
N HIS B 124 -14.96 -34.21 0.46
CA HIS B 124 -14.94 -33.37 1.66
C HIS B 124 -16.33 -33.10 2.26
N ARG B 125 -17.32 -32.68 1.46
CA ARG B 125 -18.71 -32.53 1.99
C ARG B 125 -18.95 -31.50 3.13
N ASP B 126 -18.00 -30.64 3.43
CA ASP B 126 -18.28 -29.57 4.39
C ASP B 126 -17.53 -28.29 4.04
N LEU B 127 -17.46 -28.01 2.75
CA LEU B 127 -16.76 -26.84 2.24
C LEU B 127 -17.56 -25.57 2.58
N LYS B 128 -16.92 -24.63 3.29
CA LYS B 128 -17.52 -23.33 3.66
C LYS B 128 -16.33 -22.49 4.07
N PRO B 129 -16.47 -21.17 4.15
CA PRO B 129 -15.29 -20.33 4.44
C PRO B 129 -14.63 -20.63 5.82
N GLN B 130 -15.40 -21.02 6.84
CA GLN B 130 -14.79 -21.35 8.14
C GLN B 130 -13.79 -22.53 8.02
N ASN B 131 -13.91 -23.32 6.97
CA ASN B 131 -13.09 -24.50 6.81
C ASN B 131 -11.98 -24.27 5.83
N LEU B 132 -11.82 -23.02 5.37
CA LEU B 132 -10.71 -22.64 4.51
C LEU B 132 -9.72 -21.83 5.33
N LEU B 133 -8.50 -22.35 5.47
CA LEU B 133 -7.51 -21.66 6.30
C LEU B 133 -6.52 -20.87 5.45
N ILE B 134 -6.17 -19.67 5.91
CA ILE B 134 -5.25 -18.80 5.18
C ILE B 134 -4.05 -18.40 6.05
N ASN B 135 -2.84 -18.54 5.50
CA ASN B 135 -1.59 -18.10 6.15
C ASN B 135 -1.19 -16.72 5.68
N ARG B 136 -0.39 -16.04 6.49
CA ARG B 136 0.07 -14.67 6.17
C ARG B 136 0.85 -14.61 4.84
N ASN B 137 1.67 -15.63 4.58
CA ASN B 137 2.27 -15.77 3.24
C ASN B 137 1.22 -15.95 2.12
N GLY B 138 -0.01 -16.34 2.47
CA GLY B 138 -1.09 -16.40 1.50
C GLY B 138 -1.41 -17.77 0.98
N GLU B 139 -0.98 -18.79 1.70
CA GLU B 139 -1.35 -20.15 1.40
C GLU B 139 -2.76 -20.41 1.94
N LEU B 140 -3.67 -20.82 1.06
CA LEU B 140 -5.01 -21.25 1.46
C LEU B 140 -5.03 -22.77 1.59
N LYS B 141 -5.52 -23.29 2.72
CA LYS B 141 -5.58 -24.72 2.98
C LYS B 141 -6.99 -25.28 3.36
N LEU B 142 -7.26 -26.52 2.95
CA LEU B 142 -8.58 -27.09 3.17
C LEU B 142 -8.51 -27.78 4.51
N ALA B 143 -9.55 -27.62 5.33
CA ALA B 143 -9.52 -28.09 6.70
C ALA B 143 -10.81 -28.79 7.07
N ASN B 144 -10.87 -29.38 8.28
CA ASN B 144 -12.11 -29.93 8.87
C ASN B 144 -12.77 -31.04 8.06
N PHE B 145 -12.19 -32.23 8.18
CA PHE B 145 -12.49 -33.41 7.36
C PHE B 145 -13.34 -34.37 8.18
N GLY B 146 -13.98 -33.81 9.19
CA GLY B 146 -14.89 -34.53 10.09
C GLY B 146 -16.13 -35.06 9.40
N LEU B 147 -16.57 -34.39 8.34
CA LEU B 147 -17.67 -34.92 7.49
C LEU B 147 -17.18 -35.65 6.25
N ALA B 148 -15.89 -35.58 5.98
CA ALA B 148 -15.33 -36.24 4.80
C ALA B 148 -15.54 -37.77 4.85
N ARG B 149 -15.55 -38.40 3.69
CA ARG B 149 -15.58 -39.85 3.68
C ARG B 149 -14.91 -40.40 2.44
N ALA B 150 -14.56 -41.69 2.49
CA ALA B 150 -14.01 -42.33 1.31
C ALA B 150 -15.17 -42.72 0.42
N PHE B 151 -14.95 -42.56 -0.88
CA PHE B 151 -15.84 -43.17 -1.88
C PHE B 151 -15.08 -44.12 -2.79
N GLY B 152 -15.79 -45.05 -3.41
CA GLY B 152 -15.09 -45.98 -4.27
C GLY B 152 -15.86 -47.26 -4.40
N ILE B 153 -15.89 -48.08 -3.34
CA ILE B 153 -16.63 -49.36 -3.40
C ILE B 153 -18.12 -49.09 -3.61
N PRO B 154 -18.67 -49.65 -4.69
CA PRO B 154 -20.12 -49.54 -4.99
C PRO B 154 -21.01 -49.64 -3.74
N VAL B 155 -21.53 -48.48 -3.33
CA VAL B 155 -22.39 -48.40 -2.14
C VAL B 155 -23.84 -48.34 -2.57
N ARG B 156 -24.73 -48.62 -1.62
CA ARG B 156 -26.13 -48.33 -1.81
C ARG B 156 -26.33 -46.81 -1.71
N CYS B 157 -25.63 -46.12 -0.80
CA CYS B 157 -25.79 -44.68 -0.68
C CYS B 157 -24.98 -44.04 0.47
N TYR B 158 -25.05 -42.72 0.55
CA TYR B 158 -24.36 -41.93 1.57
C TYR B 158 -25.43 -41.11 2.23
N SER B 159 -25.05 -40.34 3.25
CA SER B 159 -26.06 -39.58 3.96
C SER B 159 -26.39 -38.27 3.24
N ALA B 160 -27.63 -37.80 3.40
CA ALA B 160 -28.02 -36.46 2.91
C ALA B 160 -27.74 -35.39 3.98
N GLU B 161 -27.24 -35.80 5.15
CA GLU B 161 -26.96 -34.90 6.29
C GLU B 161 -25.54 -34.34 6.25
N VAL B 162 -25.20 -33.70 5.13
CA VAL B 162 -23.86 -33.22 4.89
C VAL B 162 -23.92 -31.81 4.30
N VAL B 163 -22.89 -31.00 4.56
CA VAL B 163 -22.70 -29.62 4.06
C VAL B 163 -23.62 -28.66 4.78
N THR B 164 -23.09 -27.53 5.21
CA THR B 164 -23.90 -26.53 5.89
C THR B 164 -24.89 -25.97 4.86
N LEU B 165 -26.12 -25.68 5.31
CA LEU B 165 -27.22 -25.19 4.49
C LEU B 165 -26.79 -24.25 3.33
N TRP B 166 -26.04 -23.21 3.65
CA TRP B 166 -25.74 -22.18 2.66
C TRP B 166 -24.89 -22.65 1.49
N TYR B 167 -24.22 -23.77 1.69
CA TYR B 167 -23.27 -24.31 0.72
C TYR B 167 -23.79 -25.62 0.12
N ARG B 168 -24.99 -25.98 0.51
CA ARG B 168 -25.55 -27.29 0.13
C ARG B 168 -26.13 -27.28 -1.27
N PRO B 169 -25.73 -28.19 -2.15
CA PRO B 169 -26.22 -28.19 -3.53
C PRO B 169 -27.66 -28.66 -3.60
N PRO B 170 -28.41 -28.22 -4.61
CA PRO B 170 -29.84 -28.51 -4.75
C PRO B 170 -30.23 -29.99 -4.69
N ASP B 171 -29.42 -30.90 -5.22
CA ASP B 171 -29.76 -32.33 -5.18
C ASP B 171 -29.78 -32.88 -3.78
N VAL B 172 -28.83 -32.42 -2.96
CA VAL B 172 -28.76 -32.81 -1.54
C VAL B 172 -29.85 -32.10 -0.74
N LEU B 173 -30.14 -30.86 -1.08
CA LEU B 173 -31.31 -30.22 -0.49
C LEU B 173 -32.59 -30.97 -0.78
N PHE B 174 -32.68 -31.63 -1.96
CA PHE B 174 -33.81 -32.52 -2.30
C PHE B 174 -33.60 -33.94 -1.73
N GLY B 175 -32.63 -34.10 -0.81
CA GLY B 175 -32.49 -35.38 -0.16
C GLY B 175 -31.64 -36.42 -0.86
N ALA B 176 -30.88 -36.05 -1.90
CA ALA B 176 -30.05 -37.01 -2.61
C ALA B 176 -29.13 -37.70 -1.62
N LYS B 177 -29.03 -39.00 -1.85
CA LYS B 177 -28.22 -39.90 -1.09
C LYS B 177 -27.19 -40.52 -2.05
N LEU B 178 -27.10 -40.02 -3.28
CA LEU B 178 -26.30 -40.75 -4.28
C LEU B 178 -25.31 -39.90 -5.06
N TYR B 179 -24.81 -38.89 -4.36
CA TYR B 179 -23.93 -37.92 -4.98
C TYR B 179 -22.49 -38.39 -5.08
N SER B 180 -21.71 -37.58 -5.78
CA SER B 180 -20.31 -37.84 -6.04
C SER B 180 -19.46 -36.58 -5.78
N THR B 181 -18.30 -36.49 -6.42
CA THR B 181 -17.36 -35.37 -6.21
C THR B 181 -17.98 -34.01 -6.45
N SER B 182 -18.97 -33.99 -7.34
CA SER B 182 -19.72 -32.78 -7.71
C SER B 182 -20.35 -32.04 -6.50
N ILE B 183 -20.53 -32.71 -5.38
CA ILE B 183 -21.10 -32.04 -4.20
C ILE B 183 -20.20 -30.91 -3.70
N ASP B 184 -18.89 -31.14 -3.80
CA ASP B 184 -17.93 -30.15 -3.29
C ASP B 184 -17.79 -29.07 -4.33
N MET B 185 -18.03 -29.41 -5.59
CA MET B 185 -17.86 -28.43 -6.64
C MET B 185 -18.89 -27.30 -6.58
N TRP B 186 -20.09 -27.62 -6.14
CA TRP B 186 -21.09 -26.61 -5.91
C TRP B 186 -20.68 -25.68 -4.76
N SER B 187 -20.26 -26.23 -3.61
CA SER B 187 -19.72 -25.44 -2.47
C SER B 187 -18.61 -24.49 -2.99
N ALA B 188 -17.73 -25.03 -3.87
CA ALA B 188 -16.65 -24.24 -4.45
C ALA B 188 -17.19 -23.03 -5.15
N GLY B 189 -18.19 -23.21 -6.02
CA GLY B 189 -18.83 -22.09 -6.69
C GLY B 189 -19.44 -21.09 -5.71
N CYS B 190 -20.10 -21.58 -4.65
CA CYS B 190 -20.63 -20.62 -3.65
C CYS B 190 -19.53 -19.75 -3.07
N ILE B 191 -18.41 -20.36 -2.76
CA ILE B 191 -17.31 -19.60 -2.15
C ILE B 191 -16.66 -18.63 -3.15
N PHE B 192 -16.44 -19.10 -4.38
CA PHE B 192 -15.99 -18.26 -5.48
C PHE B 192 -16.85 -16.98 -5.60
N ALA B 193 -18.18 -17.11 -5.38
CA ALA B 193 -19.07 -15.96 -5.49
C ALA B 193 -18.82 -14.91 -4.39
N GLU B 194 -18.44 -15.40 -3.21
CA GLU B 194 -18.07 -14.52 -2.09
C GLU B 194 -16.73 -13.83 -2.34
N LEU B 195 -15.74 -14.62 -2.76
CA LEU B 195 -14.44 -14.12 -3.19
C LEU B 195 -14.62 -12.95 -4.12
N ALA B 196 -15.42 -13.12 -5.17
CA ALA B 196 -15.55 -12.17 -6.27
C ALA B 196 -16.59 -11.01 -6.10
N ASN B 197 -17.21 -10.93 -4.94
CA ASN B 197 -18.06 -9.80 -4.69
C ASN B 197 -17.57 -8.98 -3.49
N ALA B 198 -18.14 -9.19 -2.30
CA ALA B 198 -17.73 -8.49 -1.11
C ALA B 198 -17.72 -9.45 0.08
N GLY B 199 -17.53 -10.72 -0.20
CA GLY B 199 -17.41 -11.74 0.83
C GLY B 199 -18.66 -12.22 1.58
N ARG B 200 -19.84 -12.02 1.00
CA ARG B 200 -21.09 -12.46 1.62
C ARG B 200 -21.64 -13.69 0.95
N PRO B 201 -22.24 -14.59 1.72
CA PRO B 201 -22.84 -15.80 1.16
C PRO B 201 -23.78 -15.41 0.07
N LEU B 202 -23.69 -16.13 -1.04
CA LEU B 202 -24.59 -15.89 -2.17
C LEU B 202 -26.03 -16.31 -1.85
N PHE B 203 -26.19 -17.41 -1.11
CA PHE B 203 -27.51 -18.00 -0.88
C PHE B 203 -27.72 -18.20 0.64
N PRO B 204 -27.96 -17.13 1.39
CA PRO B 204 -28.14 -17.32 2.84
C PRO B 204 -29.53 -17.83 3.23
N GLY B 205 -29.88 -19.10 2.95
CA GLY B 205 -31.24 -19.55 3.26
C GLY B 205 -31.55 -19.65 4.76
N ASN B 206 -32.80 -19.43 5.14
CA ASN B 206 -33.29 -19.73 6.49
C ASN B 206 -33.57 -21.21 6.76
N ASP B 207 -33.83 -22.01 5.73
CA ASP B 207 -34.14 -23.43 5.94
C ASP B 207 -34.07 -24.07 4.59
N VAL B 208 -34.34 -25.38 4.51
CA VAL B 208 -34.19 -26.11 3.25
C VAL B 208 -35.02 -25.52 2.11
N ASP B 209 -36.32 -25.32 2.32
CA ASP B 209 -37.18 -24.76 1.31
C ASP B 209 -36.74 -23.36 0.84
N ASP B 210 -36.33 -22.53 1.79
CA ASP B 210 -35.94 -21.15 1.46
C ASP B 210 -34.57 -21.11 0.73
N GLN B 211 -33.69 -22.01 1.11
CA GLN B 211 -32.44 -22.23 0.39
C GLN B 211 -32.67 -22.55 -1.11
N LEU B 212 -33.55 -23.51 -1.36
CA LEU B 212 -33.94 -23.86 -2.72
C LEU B 212 -34.56 -22.70 -3.55
N LYS B 213 -35.45 -21.93 -2.94
CA LYS B 213 -36.03 -20.73 -3.57
C LYS B 213 -34.98 -19.74 -4.02
N ARG B 214 -34.03 -19.48 -3.12
CA ARG B 214 -33.01 -18.48 -3.38
C ARG B 214 -32.11 -18.94 -4.48
N ILE B 215 -31.82 -20.25 -4.49
CA ILE B 215 -30.97 -20.76 -5.57
C ILE B 215 -31.72 -20.60 -6.90
N PHE B 216 -32.99 -20.98 -6.92
CA PHE B 216 -33.73 -21.00 -8.18
C PHE B 216 -34.07 -19.58 -8.61
N ARG B 217 -34.26 -18.67 -7.63
CA ARG B 217 -34.48 -17.25 -7.94
C ARG B 217 -33.34 -16.63 -8.76
N LEU B 218 -32.11 -17.02 -8.48
CA LEU B 218 -30.95 -16.49 -9.19
C LEU B 218 -30.72 -17.21 -10.50
N LEU B 219 -30.78 -18.52 -10.41
CA LEU B 219 -30.28 -19.38 -11.47
C LEU B 219 -31.43 -19.77 -12.43
N GLY B 220 -32.68 -19.66 -11.98
CA GLY B 220 -33.84 -20.22 -12.68
C GLY B 220 -34.17 -21.63 -12.19
N THR B 221 -35.46 -21.94 -12.12
CA THR B 221 -35.88 -23.27 -11.68
C THR B 221 -35.53 -24.32 -12.76
N PRO B 222 -34.79 -25.38 -12.41
CA PRO B 222 -34.33 -26.37 -13.40
C PRO B 222 -35.48 -27.11 -14.07
N THR B 223 -35.48 -27.19 -15.39
CA THR B 223 -36.52 -27.94 -16.12
C THR B 223 -36.14 -29.44 -16.10
N GLU B 224 -37.12 -30.31 -16.37
CA GLU B 224 -36.75 -31.70 -16.64
C GLU B 224 -35.82 -31.78 -17.88
N GLU B 225 -35.78 -30.72 -18.68
CA GLU B 225 -34.82 -30.67 -19.79
C GLU B 225 -33.40 -30.66 -19.28
N GLN B 226 -33.05 -29.68 -18.47
CA GLN B 226 -31.67 -29.60 -17.96
C GLN B 226 -31.32 -30.51 -16.78
N TRP B 227 -32.34 -31.01 -16.05
CA TRP B 227 -32.13 -31.94 -14.94
C TRP B 227 -33.19 -33.06 -14.85
N PRO B 228 -33.16 -34.00 -15.80
CA PRO B 228 -34.21 -35.04 -15.90
C PRO B 228 -34.23 -35.93 -14.67
N SER B 229 -33.16 -36.01 -13.86
CA SER B 229 -33.22 -36.92 -12.74
C SER B 229 -33.72 -36.28 -11.44
N MET B 230 -33.85 -34.96 -11.42
CA MET B 230 -34.44 -34.28 -10.30
C MET B 230 -35.74 -34.90 -9.75
N THR B 231 -36.66 -35.32 -10.61
CA THR B 231 -37.91 -35.92 -10.11
C THR B 231 -37.74 -37.26 -9.40
N LYS B 232 -36.57 -37.90 -9.46
CA LYS B 232 -36.40 -39.11 -8.66
C LYS B 232 -35.77 -38.90 -7.33
N LEU B 233 -35.48 -37.68 -6.93
CA LEU B 233 -34.85 -37.48 -5.65
C LEU B 233 -35.86 -37.68 -4.50
N PRO B 234 -35.36 -38.17 -3.37
CA PRO B 234 -36.24 -38.60 -2.27
C PRO B 234 -37.20 -37.49 -1.75
N ASP B 235 -36.77 -36.25 -1.70
CA ASP B 235 -37.67 -35.18 -1.29
C ASP B 235 -38.04 -34.20 -2.41
N TYR B 236 -37.97 -34.61 -3.66
CA TYR B 236 -38.37 -33.74 -4.77
C TYR B 236 -39.84 -33.26 -4.64
N LYS B 237 -40.06 -31.95 -4.78
CA LYS B 237 -41.39 -31.41 -5.08
C LYS B 237 -41.22 -30.31 -6.12
N PRO B 238 -42.25 -30.06 -6.93
CA PRO B 238 -42.18 -28.99 -7.94
C PRO B 238 -42.07 -27.61 -7.28
N TYR B 239 -41.16 -26.79 -7.76
CA TYR B 239 -41.00 -25.43 -7.24
C TYR B 239 -41.58 -24.43 -8.24
N PRO B 240 -41.95 -23.24 -7.77
CA PRO B 240 -42.32 -22.16 -8.72
C PRO B 240 -41.25 -21.99 -9.81
N MET B 241 -41.71 -21.67 -11.01
CA MET B 241 -40.84 -21.52 -12.16
C MET B 241 -40.24 -20.12 -12.27
N TYR B 242 -39.13 -19.91 -11.54
CA TYR B 242 -38.39 -18.65 -11.56
C TYR B 242 -37.52 -18.48 -12.80
N PRO B 243 -37.67 -17.32 -13.46
CA PRO B 243 -36.98 -17.05 -14.73
C PRO B 243 -35.51 -17.41 -14.66
N ALA B 244 -35.06 -18.10 -15.69
CA ALA B 244 -33.67 -18.54 -15.76
C ALA B 244 -32.63 -17.42 -15.57
N THR B 245 -32.98 -16.18 -15.96
CA THR B 245 -32.00 -15.23 -16.51
C THR B 245 -31.45 -14.10 -15.60
N THR B 246 -31.23 -14.37 -14.31
CA THR B 246 -30.55 -13.34 -13.52
C THR B 246 -29.03 -13.31 -13.81
N SER B 247 -28.69 -12.67 -14.94
CA SER B 247 -27.32 -12.59 -15.50
C SER B 247 -26.28 -12.28 -14.44
N LEU B 248 -25.11 -12.91 -14.53
CA LEU B 248 -24.20 -12.92 -13.41
C LEU B 248 -23.23 -11.74 -13.31
N VAL B 249 -23.58 -10.56 -13.78
CA VAL B 249 -22.61 -9.47 -13.71
C VAL B 249 -22.74 -8.68 -12.39
N ASN B 250 -23.94 -8.68 -11.85
CA ASN B 250 -24.22 -7.98 -10.59
C ASN B 250 -23.81 -8.75 -9.33
N VAL B 251 -23.85 -10.08 -9.37
CA VAL B 251 -23.54 -10.83 -8.18
C VAL B 251 -22.07 -11.01 -8.04
N VAL B 252 -21.34 -10.91 -9.14
CA VAL B 252 -19.87 -10.99 -9.05
C VAL B 252 -19.16 -9.92 -9.87
N PRO B 253 -19.16 -8.68 -9.37
CA PRO B 253 -18.61 -7.53 -10.13
C PRO B 253 -17.10 -7.61 -10.36
N LYS B 254 -16.41 -8.48 -9.64
CA LYS B 254 -14.97 -8.55 -9.72
C LYS B 254 -14.50 -9.39 -10.88
N LEU B 255 -15.44 -10.08 -11.54
CA LEU B 255 -15.10 -11.02 -12.57
C LEU B 255 -15.37 -10.49 -13.94
N ASN B 256 -14.42 -10.82 -14.82
CA ASN B 256 -14.51 -10.68 -16.27
C ASN B 256 -15.47 -11.69 -16.88
N ALA B 257 -15.49 -11.76 -18.20
CA ALA B 257 -16.31 -12.74 -18.91
C ALA B 257 -15.88 -14.15 -18.58
N THR B 258 -14.58 -14.38 -18.58
CA THR B 258 -14.09 -15.73 -18.47
C THR B 258 -14.26 -16.20 -17.03
N GLY B 259 -14.29 -15.25 -16.10
CA GLY B 259 -14.54 -15.52 -14.70
C GLY B 259 -15.97 -15.90 -14.45
N ARG B 260 -16.91 -15.15 -15.06
CA ARG B 260 -18.32 -15.43 -14.89
C ARG B 260 -18.67 -16.82 -15.47
N ASP B 261 -18.04 -17.13 -16.58
CA ASP B 261 -18.20 -18.40 -17.23
C ASP B 261 -17.81 -19.56 -16.29
N LEU B 262 -16.63 -19.49 -15.69
CA LEU B 262 -16.27 -20.55 -14.76
C LEU B 262 -17.28 -20.64 -13.56
N LEU B 263 -17.72 -19.49 -13.02
CA LEU B 263 -18.74 -19.49 -11.93
C LEU B 263 -19.98 -20.28 -12.34
N GLN B 264 -20.44 -20.02 -13.58
CA GLN B 264 -21.68 -20.61 -14.12
C GLN B 264 -21.55 -22.11 -14.26
N ASN B 265 -20.33 -22.58 -14.49
CA ASN B 265 -20.03 -23.99 -14.69
C ASN B 265 -19.88 -24.80 -13.40
N LEU B 266 -19.65 -24.07 -12.31
CA LEU B 266 -19.62 -24.58 -10.93
C LEU B 266 -21.04 -24.55 -10.35
N LEU B 267 -21.78 -23.48 -10.58
CA LEU B 267 -23.12 -23.37 -10.03
C LEU B 267 -24.20 -23.95 -10.95
N LYS B 268 -24.07 -25.22 -11.37
CA LYS B 268 -25.13 -25.93 -12.12
C LYS B 268 -25.99 -26.77 -11.14
N CYS B 269 -27.32 -26.68 -11.22
CA CYS B 269 -28.19 -27.45 -10.28
C CYS B 269 -27.97 -28.97 -10.46
N ASN B 270 -27.96 -29.40 -11.71
CA ASN B 270 -27.70 -30.80 -12.07
C ASN B 270 -26.23 -31.09 -11.74
N PRO B 271 -25.96 -31.92 -10.74
CA PRO B 271 -24.58 -32.20 -10.33
C PRO B 271 -23.76 -32.71 -11.50
N VAL B 272 -24.40 -33.41 -12.43
CA VAL B 272 -23.72 -33.95 -13.60
C VAL B 272 -23.07 -32.84 -14.49
N GLN B 273 -23.62 -31.62 -14.43
CA GLN B 273 -23.20 -30.53 -15.27
C GLN B 273 -22.15 -29.63 -14.59
N ARG B 274 -21.81 -29.92 -13.33
CA ARG B 274 -20.74 -29.20 -12.64
C ARG B 274 -19.32 -29.63 -13.13
N ILE B 275 -18.55 -28.65 -13.59
CA ILE B 275 -17.13 -28.84 -13.91
C ILE B 275 -16.44 -29.52 -12.70
N SER B 276 -15.55 -30.46 -12.99
CA SER B 276 -14.69 -31.01 -11.94
C SER B 276 -13.60 -29.99 -11.53
N ALA B 277 -12.95 -30.25 -10.37
CA ALA B 277 -11.82 -29.45 -9.95
C ALA B 277 -10.68 -29.44 -10.98
N GLU B 278 -10.37 -30.61 -11.57
CA GLU B 278 -9.30 -30.79 -12.59
C GLU B 278 -9.61 -30.00 -13.84
N GLU B 279 -10.81 -30.13 -14.36
CA GLU B 279 -11.22 -29.33 -15.49
C GLU B 279 -11.27 -27.82 -15.23
N ALA B 280 -11.60 -27.42 -13.99
CA ALA B 280 -11.68 -26.00 -13.62
C ALA B 280 -10.31 -25.32 -13.59
N LEU B 281 -9.31 -26.04 -13.09
CA LEU B 281 -7.92 -25.58 -13.09
C LEU B 281 -7.43 -25.32 -14.51
N GLN B 282 -8.04 -25.98 -15.48
CA GLN B 282 -7.68 -25.84 -16.88
C GLN B 282 -8.54 -24.75 -17.48
N HIS B 283 -9.49 -24.19 -16.72
CA HIS B 283 -10.36 -23.17 -17.30
C HIS B 283 -9.49 -22.03 -17.80
N PRO B 284 -9.84 -21.36 -18.89
CA PRO B 284 -9.08 -20.18 -19.32
C PRO B 284 -8.85 -19.17 -18.19
N TYR B 285 -9.82 -19.04 -17.29
CA TYR B 285 -9.71 -18.15 -16.14
C TYR B 285 -8.34 -18.16 -15.46
N PHE B 286 -7.65 -19.30 -15.53
CA PHE B 286 -6.34 -19.50 -14.88
C PHE B 286 -5.12 -19.48 -15.80
N SER B 287 -5.24 -18.91 -17.00
CA SER B 287 -4.17 -18.94 -17.99
C SER B 287 -2.97 -18.03 -17.69
N ASP B 288 -2.02 -17.99 -18.48
N GLN C 46 2.42 9.79 -14.45
CA GLN C 46 1.88 10.74 -15.50
C GLN C 46 2.24 12.23 -15.24
N ALA C 47 1.56 13.17 -15.86
CA ALA C 47 1.93 14.60 -15.77
C ALA C 47 1.16 15.35 -14.67
N SER C 48 0.22 14.64 -14.02
CA SER C 48 -0.67 15.23 -13.04
C SER C 48 -0.10 15.18 -11.61
N THR C 49 -0.50 16.14 -10.79
CA THR C 49 -0.08 16.20 -9.41
C THR C 49 -0.42 14.95 -8.60
N SER C 50 -1.61 14.38 -8.83
CA SER C 50 -2.05 13.23 -8.02
C SER C 50 -1.20 12.00 -8.27
N GLU C 51 -0.93 11.74 -9.55
CA GLU C 51 -0.03 10.70 -10.00
C GLU C 51 1.39 10.81 -9.42
N LEU C 52 1.99 12.01 -9.47
CA LEU C 52 3.36 12.18 -9.00
C LEU C 52 3.37 12.09 -7.49
N LEU C 53 2.33 12.56 -6.82
CA LEU C 53 2.24 12.43 -5.39
C LEU C 53 2.19 10.95 -5.00
N ARG C 54 1.55 10.17 -5.84
CA ARG C 54 1.44 8.77 -5.59
C ARG C 54 2.80 8.04 -5.85
N CYS C 55 3.49 8.37 -6.94
CA CYS C 55 4.89 7.96 -7.15
C CYS C 55 5.75 8.36 -5.94
N LEU C 56 5.64 9.59 -5.49
CA LEU C 56 6.41 9.96 -4.31
C LEU C 56 6.08 9.05 -3.09
N GLY C 57 4.78 8.77 -2.88
CA GLY C 57 4.31 7.97 -1.75
C GLY C 57 4.84 6.56 -1.87
N GLU C 58 4.86 6.02 -3.08
CA GLU C 58 5.36 4.68 -3.29
C GLU C 58 6.87 4.63 -3.10
N PHE C 59 7.54 5.70 -3.51
CA PHE C 59 8.97 5.80 -3.27
C PHE C 59 9.30 5.77 -1.73
N LEU C 60 8.52 6.46 -0.92
CA LEU C 60 8.78 6.52 0.50
C LEU C 60 8.57 5.18 1.25
N CYS C 61 7.52 4.43 0.87
CA CYS C 61 7.29 3.11 1.42
C CYS C 61 8.43 2.14 1.07
N ARG C 62 8.92 2.24 -0.17
CA ARG C 62 10.03 1.42 -0.57
C ARG C 62 11.37 1.83 0.12
N ARG C 63 11.68 3.11 0.17
CA ARG C 63 12.89 3.56 0.84
C ARG C 63 12.86 3.15 2.36
N CYS C 64 11.75 3.46 3.05
CA CYS C 64 11.66 3.28 4.51
C CYS C 64 11.12 1.90 4.81
N TYR C 65 11.97 0.90 4.54
CA TYR C 65 11.66 -0.52 4.66
C TYR C 65 11.33 -0.95 6.08
N ARG C 66 11.72 -0.17 7.10
CA ARG C 66 11.38 -0.58 8.51
C ARG C 66 9.92 -0.30 8.85
N LEU C 67 9.26 0.52 8.04
CA LEU C 67 7.95 1.02 8.42
C LEU C 67 6.89 0.07 7.86
N LYS C 68 6.57 -1.00 8.59
CA LYS C 68 5.67 -2.01 8.06
C LYS C 68 4.22 -1.54 7.88
N HIS C 69 3.77 -0.54 8.60
CA HIS C 69 2.34 -0.13 8.51
C HIS C 69 2.08 1.23 7.81
N LEU C 70 3.13 1.81 7.26
CA LEU C 70 3.02 2.94 6.34
C LEU C 70 2.19 2.63 5.06
N SER C 71 1.19 3.46 4.82
CA SER C 71 0.50 3.40 3.56
C SER C 71 1.13 4.41 2.61
N PRO C 72 1.19 4.10 1.33
CA PRO C 72 1.69 5.09 0.33
C PRO C 72 0.75 6.30 0.24
N THR C 73 -0.48 6.19 0.75
CA THR C 73 -1.35 7.37 0.80
C THR C 73 -1.08 8.23 2.05
N ASP C 74 -0.34 7.73 3.04
CA ASP C 74 -0.08 8.55 4.22
C ASP C 74 0.69 9.83 3.85
N PRO C 75 1.80 9.70 3.11
CA PRO C 75 2.56 10.89 2.69
C PRO C 75 1.71 11.81 1.84
N VAL C 76 0.88 11.32 0.91
CA VAL C 76 -0.01 12.21 0.17
C VAL C 76 -0.94 12.98 1.13
N LEU C 77 -1.51 12.25 2.09
CA LEU C 77 -2.44 12.85 3.04
C LEU C 77 -1.72 13.92 3.88
N TRP C 78 -0.50 13.64 4.34
CA TRP C 78 0.19 14.64 5.18
C TRP C 78 0.53 15.88 4.36
N LEU C 79 0.89 15.74 3.08
CA LEU C 79 1.22 16.90 2.21
C LEU C 79 0.00 17.67 1.79
N ARG C 80 -1.07 16.97 1.38
CA ARG C 80 -2.28 17.66 0.93
C ARG C 80 -2.79 18.53 2.09
N SER C 81 -2.74 17.98 3.29
CA SER C 81 -3.23 18.58 4.50
C SER C 81 -2.56 19.95 4.83
N VAL C 82 -1.26 20.02 4.67
CA VAL C 82 -0.50 21.26 4.89
C VAL C 82 -0.94 22.30 3.90
N ASP C 83 -1.01 21.86 2.63
CA ASP C 83 -1.30 22.80 1.56
C ASP C 83 -2.70 23.38 1.78
N ARG C 84 -3.65 22.53 2.08
CA ARG C 84 -5.04 23.04 2.15
C ARG C 84 -5.18 23.96 3.36
N SER C 85 -4.54 23.58 4.45
CA SER C 85 -4.45 24.40 5.65
C SER C 85 -3.88 25.84 5.39
N LEU C 86 -2.74 25.90 4.71
CA LEU C 86 -2.09 27.17 4.39
C LEU C 86 -2.97 28.06 3.51
N LEU C 87 -3.72 27.45 2.62
CA LEU C 87 -4.67 28.15 1.77
C LEU C 87 -5.89 28.68 2.52
N LEU C 88 -6.51 27.83 3.32
CA LEU C 88 -7.73 28.21 4.03
C LEU C 88 -7.47 29.26 5.09
N GLN C 89 -6.27 29.30 5.62
CA GLN C 89 -5.87 30.21 6.69
C GLN C 89 -5.21 31.46 6.10
N GLY C 90 -5.22 31.56 4.77
CA GLY C 90 -4.93 32.78 4.07
C GLY C 90 -3.44 33.02 4.00
N TRP C 91 -2.61 31.96 4.10
CA TRP C 91 -1.15 32.09 3.93
C TRP C 91 -0.70 32.13 2.47
N GLN C 92 -1.57 31.72 1.57
CA GLN C 92 -1.23 31.65 0.16
C GLN C 92 -2.55 31.76 -0.55
N ASP C 93 -2.49 32.22 -1.80
CA ASP C 93 -3.64 32.49 -2.67
C ASP C 93 -4.01 31.23 -3.43
N GLN C 94 -3.00 30.39 -3.65
CA GLN C 94 -3.10 29.21 -4.52
C GLN C 94 -2.29 28.08 -3.90
N GLY C 95 -2.63 26.83 -4.19
CA GLY C 95 -1.91 25.70 -3.64
C GLY C 95 -0.48 25.63 -4.15
N PHE C 96 0.44 25.07 -3.36
CA PHE C 96 1.85 24.97 -3.68
C PHE C 96 2.08 23.67 -4.44
N ILE C 97 1.32 22.64 -4.10
CA ILE C 97 1.54 21.36 -4.72
C ILE C 97 1.11 21.42 -6.18
N THR C 98 2.11 21.35 -7.05
CA THR C 98 1.95 21.34 -8.51
C THR C 98 2.94 20.26 -8.95
N PRO C 99 2.92 19.83 -10.20
CA PRO C 99 3.90 18.85 -10.69
C PRO C 99 5.36 19.28 -10.46
N ALA C 100 5.72 20.50 -10.82
CA ALA C 100 7.14 20.91 -10.63
C ALA C 100 7.57 20.87 -9.17
N ASN C 101 6.70 21.27 -8.28
CA ASN C 101 7.13 21.35 -6.91
C ASN C 101 7.25 19.95 -6.23
N VAL C 102 6.44 18.99 -6.69
CA VAL C 102 6.50 17.61 -6.22
C VAL C 102 7.82 16.95 -6.65
N VAL C 103 8.22 17.18 -7.89
CA VAL C 103 9.56 16.85 -8.38
C VAL C 103 10.65 17.46 -7.54
N PHE C 104 10.51 18.77 -7.29
CA PHE C 104 11.45 19.43 -6.39
C PHE C 104 11.53 18.74 -4.97
N LEU C 105 10.37 18.42 -4.40
CA LEU C 105 10.24 17.75 -3.11
C LEU C 105 10.89 16.35 -3.18
N TYR C 106 10.63 15.63 -4.28
CA TYR C 106 11.18 14.29 -4.42
C TYR C 106 12.72 14.33 -4.51
N MET C 107 13.24 15.29 -5.23
CA MET C 107 14.67 15.50 -5.24
C MET C 107 15.29 15.69 -3.81
N LEU C 108 14.68 16.48 -2.96
CA LEU C 108 15.13 16.54 -1.56
C LEU C 108 14.97 15.17 -0.86
N CYS C 109 13.77 14.57 -0.94
CA CYS C 109 13.53 13.32 -0.26
C CYS C 109 14.51 12.25 -0.67
N ARG C 110 14.76 12.04 -1.96
CA ARG C 110 15.62 10.92 -2.34
C ARG C 110 16.97 10.99 -1.62
N ASP C 111 17.49 12.20 -1.45
CA ASP C 111 18.81 12.38 -0.85
C ASP C 111 18.82 12.56 0.67
N VAL C 112 17.70 12.93 1.27
CA VAL C 112 17.66 13.27 2.71
C VAL C 112 17.09 12.11 3.54
N ILE C 113 16.05 11.45 3.06
CA ILE C 113 15.37 10.49 3.87
C ILE C 113 16.10 9.14 3.95
N SER C 114 16.57 8.83 5.15
CA SER C 114 17.35 7.62 5.34
C SER C 114 16.46 6.40 5.15
N SER C 115 17.04 5.36 4.59
CA SER C 115 16.37 4.04 4.56
C SER C 115 16.12 3.52 5.96
N GLU C 116 16.89 4.05 6.92
CA GLU C 116 16.76 3.62 8.34
C GLU C 116 15.75 4.39 9.23
N VAL C 117 14.97 5.32 8.69
CA VAL C 117 13.86 5.90 9.46
C VAL C 117 13.13 4.80 10.28
N GLY C 118 12.97 5.02 11.57
CA GLY C 118 12.45 3.97 12.42
C GLY C 118 11.03 4.12 12.88
N SER C 119 10.32 5.17 12.49
CA SER C 119 8.89 5.24 12.81
C SER C 119 8.15 6.05 11.75
N ASP C 120 6.83 5.90 11.65
CA ASP C 120 6.06 6.68 10.72
C ASP C 120 6.11 8.16 11.15
N HIS C 121 6.17 8.39 12.45
CA HIS C 121 6.24 9.74 13.00
C HIS C 121 7.54 10.43 12.54
N GLU C 122 8.67 9.77 12.71
CA GLU C 122 9.95 10.33 12.23
C GLU C 122 9.94 10.61 10.67
N LEU C 123 9.41 9.67 9.91
CA LEU C 123 9.25 9.93 8.48
C LEU C 123 8.40 11.19 8.24
N GLN C 124 7.28 11.33 8.94
CA GLN C 124 6.48 12.54 8.78
C GLN C 124 7.29 13.78 9.14
N ALA C 125 8.07 13.74 10.20
CA ALA C 125 8.87 14.90 10.60
C ALA C 125 9.96 15.31 9.54
N VAL C 126 10.68 14.36 8.96
CA VAL C 126 11.68 14.63 7.94
C VAL C 126 11.03 15.11 6.63
N LEU C 127 9.96 14.44 6.20
CA LEU C 127 9.24 14.86 5.03
C LEU C 127 8.71 16.27 5.17
N LEU C 128 8.25 16.62 6.36
CA LEU C 128 7.64 17.90 6.57
C LEU C 128 8.74 18.94 6.59
N THR C 129 9.93 18.53 6.96
CA THR C 129 11.08 19.42 6.92
C THR C 129 11.42 19.73 5.48
N CYS C 130 11.50 18.70 4.66
CA CYS C 130 11.81 18.84 3.25
C CYS C 130 10.72 19.70 2.57
N LEU C 131 9.46 19.52 2.99
CA LEU C 131 8.33 20.29 2.43
C LEU C 131 8.44 21.80 2.79
N TYR C 132 8.80 22.07 4.03
CA TYR C 132 8.96 23.41 4.52
C TYR C 132 10.08 24.15 3.71
N LEU C 133 11.24 23.53 3.53
CA LEU C 133 12.30 24.01 2.65
C LEU C 133 11.88 24.19 1.17
N SER C 134 11.06 23.30 0.63
CA SER C 134 10.46 23.51 -0.69
C SER C 134 9.58 24.76 -0.77
N TYR C 135 8.69 24.94 0.22
CA TYR C 135 7.89 26.17 0.28
C TYR C 135 8.78 27.39 0.40
N SER C 136 9.80 27.37 1.26
CA SER C 136 10.68 28.52 1.45
C SER C 136 11.44 28.84 0.22
N TYR C 137 11.82 27.80 -0.52
CA TYR C 137 12.67 28.03 -1.65
C TYR C 137 11.91 28.29 -2.93
N MET C 138 10.80 27.56 -3.14
CA MET C 138 10.06 27.58 -4.39
C MET C 138 8.72 28.30 -4.30
N GLY C 139 8.18 28.55 -3.11
CA GLY C 139 6.85 29.11 -2.99
C GLY C 139 6.73 30.57 -3.40
N ASN C 140 5.54 30.96 -3.85
CA ASN C 140 5.30 32.33 -4.22
C ASN C 140 5.16 33.33 -3.06
N GLU C 141 5.02 32.88 -1.83
CA GLU C 141 4.80 33.85 -0.74
C GLU C 141 6.14 34.14 -0.12
N ILE C 142 6.29 35.27 0.55
CA ILE C 142 7.58 35.60 1.14
C ILE C 142 7.91 34.65 2.27
N SER C 143 6.90 34.33 3.09
CA SER C 143 7.10 33.52 4.28
C SER C 143 5.91 32.59 4.55
N TYR C 144 6.22 31.51 5.21
CA TYR C 144 5.24 30.49 5.58
C TYR C 144 5.45 30.20 7.05
N PRO C 145 4.34 29.95 7.77
CA PRO C 145 4.43 29.69 9.21
C PRO C 145 4.94 28.26 9.45
N LEU C 146 5.53 28.06 10.61
CA LEU C 146 6.12 26.82 11.00
C LEU C 146 5.08 25.76 11.35
N LYS C 147 4.06 26.22 12.05
CA LYS C 147 3.04 25.41 12.69
C LYS C 147 2.60 24.15 11.95
N PRO C 148 2.10 24.26 10.70
CA PRO C 148 1.64 23.07 9.97
C PRO C 148 2.74 22.08 9.73
N PHE C 149 4.00 22.49 9.72
CA PHE C 149 5.12 21.65 9.38
C PHE C 149 5.76 21.01 10.62
N LEU C 150 5.30 21.34 11.80
CA LEU C 150 5.92 20.80 12.97
C LEU C 150 5.12 19.65 13.60
N VAL C 151 5.73 18.49 13.74
CA VAL C 151 5.03 17.36 14.40
C VAL C 151 5.79 16.73 15.58
N GLU C 152 6.93 17.34 15.93
CA GLU C 152 7.87 16.93 16.95
C GLU C 152 7.68 17.90 18.07
N SER C 153 7.92 17.44 19.28
CA SER C 153 7.85 18.29 20.47
C SER C 153 9.16 19.07 20.63
N CYS C 154 10.25 18.59 20.02
CA CYS C 154 11.54 19.27 20.16
C CYS C 154 11.83 20.21 18.99
N LYS C 155 11.53 21.48 19.18
CA LYS C 155 11.63 22.46 18.10
C LYS C 155 13.08 22.56 17.52
N GLU C 156 14.07 22.54 18.41
CA GLU C 156 15.46 22.66 18.09
C GLU C 156 15.89 21.59 17.05
N ALA C 157 15.30 20.41 17.13
CA ALA C 157 15.60 19.36 16.15
C ALA C 157 15.04 19.69 14.75
N PHE C 158 13.88 20.32 14.68
CA PHE C 158 13.40 20.69 13.36
C PHE C 158 14.38 21.71 12.70
N TRP C 159 14.84 22.67 13.46
CA TRP C 159 15.74 23.68 12.88
C TRP C 159 17.10 23.11 12.51
N ASP C 160 17.65 22.26 13.37
CA ASP C 160 18.92 21.57 13.10
C ASP C 160 18.81 20.79 11.77
N ARG C 161 17.65 20.14 11.55
CA ARG C 161 17.38 19.36 10.36
C ARG C 161 17.23 20.29 9.13
N CYS C 162 16.59 21.42 9.30
CA CYS C 162 16.56 22.45 8.25
C CYS C 162 17.97 22.81 7.79
N LEU C 163 18.84 23.15 8.74
CA LEU C 163 20.20 23.60 8.40
C LEU C 163 21.04 22.53 7.74
N SER C 164 20.85 21.31 8.19
CA SER C 164 21.56 20.17 7.69
C SER C 164 21.04 19.78 6.28
N VAL C 165 19.75 19.85 6.02
CA VAL C 165 19.30 19.61 4.64
C VAL C 165 19.82 20.69 3.68
N ILE C 166 19.80 21.95 4.10
CA ILE C 166 20.34 23.03 3.30
C ILE C 166 21.84 22.87 3.02
N ASN C 167 22.57 22.46 4.05
CA ASN C 167 23.99 22.25 3.82
C ASN C 167 24.24 21.06 2.87
N LEU C 168 23.39 20.05 2.84
CA LEU C 168 23.59 18.96 1.89
C LEU C 168 23.12 19.36 0.50
N MET C 169 21.96 20.00 0.43
CA MET C 169 21.18 20.15 -0.81
C MET C 169 21.22 21.48 -1.56
N SER C 170 21.84 22.54 -1.04
CA SER C 170 21.58 23.89 -1.60
C SER C 170 22.06 23.96 -3.06
N SER C 171 23.08 23.19 -3.36
CA SER C 171 23.58 23.16 -4.72
C SER C 171 22.60 22.55 -5.77
N LYS C 172 21.95 21.45 -5.38
CA LYS C 172 20.98 20.76 -6.19
C LYS C 172 19.66 21.49 -6.30
N MET C 173 19.24 22.08 -5.20
CA MET C 173 18.12 23.00 -5.20
C MET C 173 18.27 24.10 -6.28
N LEU C 174 19.45 24.69 -6.38
CA LEU C 174 19.60 25.67 -7.47
C LEU C 174 19.74 24.95 -8.88
N GLN C 175 20.49 23.84 -8.92
CA GLN C 175 20.78 23.15 -10.18
C GLN C 175 19.48 22.68 -10.92
N ILE C 176 18.50 22.22 -10.16
CA ILE C 176 17.26 21.75 -10.75
C ILE C 176 16.46 22.89 -11.37
N ASN C 177 16.72 24.12 -10.89
CA ASN C 177 16.20 25.29 -11.56
C ASN C 177 16.98 25.67 -12.77
N ALA C 178 18.31 25.69 -12.64
CA ALA C 178 19.18 26.20 -13.70
C ALA C 178 19.45 25.20 -14.87
N ASP C 179 19.31 23.91 -14.59
CA ASP C 179 19.69 22.87 -15.52
C ASP C 179 18.42 22.11 -15.90
N PRO C 180 17.85 22.40 -17.06
CA PRO C 180 16.57 21.77 -17.45
C PRO C 180 16.68 20.26 -17.69
N HIS C 181 17.86 19.77 -18.07
CA HIS C 181 18.08 18.35 -18.29
C HIS C 181 18.15 17.65 -16.96
N TYR C 182 18.57 18.36 -15.91
CA TYR C 182 18.56 17.77 -14.57
C TYR C 182 17.11 17.67 -14.05
N PHE C 183 16.35 18.72 -14.24
CA PHE C 183 14.94 18.68 -13.90
C PHE C 183 14.27 17.50 -14.61
N THR C 184 14.54 17.35 -15.92
CA THR C 184 14.00 16.21 -16.67
C THR C 184 14.42 14.87 -16.10
N GLN C 185 15.70 14.69 -15.77
CA GLN C 185 16.17 13.45 -15.14
C GLN C 185 15.35 13.12 -13.86
N VAL C 186 15.22 14.10 -12.95
CA VAL C 186 14.47 13.91 -11.71
C VAL C 186 13.01 13.59 -11.94
N PHE C 187 12.38 14.31 -12.86
CA PHE C 187 10.96 14.10 -13.15
C PHE C 187 10.76 12.66 -13.63
N SER C 188 11.66 12.26 -14.52
CA SER C 188 11.69 10.92 -15.06
C SER C 188 11.92 9.85 -14.01
N ASP C 189 12.85 10.08 -13.08
CA ASP C 189 13.02 9.08 -12.01
C ASP C 189 11.78 8.96 -11.12
N LEU C 190 11.17 10.12 -10.80
CA LEU C 190 9.94 10.15 -10.00
C LEU C 190 8.85 9.29 -10.64
N LYS C 191 8.54 9.52 -11.92
CA LYS C 191 7.59 8.65 -12.63
C LYS C 191 7.95 7.14 -12.59
N ASN C 192 9.22 6.80 -12.71
CA ASN C 192 9.64 5.42 -12.69
C ASN C 192 9.59 4.84 -11.28
N GLU C 193 9.14 5.64 -10.34
CA GLU C 193 8.92 5.17 -8.98
C GLU C 193 7.64 4.31 -8.88
N SER C 194 6.67 4.57 -9.75
CA SER C 194 5.41 3.84 -9.62
C SER C 194 5.59 2.39 -9.98
N GLY C 195 6.05 2.12 -11.10
N SER D 48 -30.14 -70.14 -4.77
CA SER D 48 -29.40 -69.16 -3.89
C SER D 48 -28.06 -69.75 -3.38
N THR D 49 -27.10 -68.87 -3.07
CA THR D 49 -25.73 -69.26 -2.68
C THR D 49 -25.60 -69.96 -1.31
N SER D 50 -25.46 -71.30 -1.33
CA SER D 50 -25.35 -72.13 -0.10
C SER D 50 -24.02 -72.92 0.06
N GLU D 51 -23.12 -72.80 -0.92
CA GLU D 51 -21.90 -73.65 -1.05
C GLU D 51 -20.66 -73.14 -0.29
N LEU D 52 -20.37 -71.83 -0.42
CA LEU D 52 -19.33 -71.16 0.37
C LEU D 52 -19.73 -71.11 1.86
N LEU D 53 -21.04 -70.94 2.09
CA LEU D 53 -21.62 -70.84 3.43
C LEU D 53 -21.24 -72.00 4.36
N ARG D 54 -21.23 -73.22 3.80
CA ARG D 54 -20.93 -74.46 4.54
C ARG D 54 -19.43 -74.72 4.78
N CYS D 55 -18.57 -73.93 4.14
CA CYS D 55 -17.10 -74.00 4.33
C CYS D 55 -16.50 -72.63 4.71
N LEU D 56 -16.92 -72.12 5.89
CA LEU D 56 -16.40 -70.87 6.46
C LEU D 56 -15.47 -71.24 7.63
N GLY D 57 -15.22 -72.55 7.77
CA GLY D 57 -14.32 -73.11 8.75
C GLY D 57 -14.26 -74.63 8.68
N GLU D 58 -14.62 -75.19 7.52
CA GLU D 58 -14.67 -76.64 7.30
C GLU D 58 -13.29 -77.25 7.02
N PHE D 59 -12.32 -76.40 6.63
CA PHE D 59 -10.96 -76.85 6.34
C PHE D 59 -10.04 -76.66 7.57
N LEU D 60 -10.22 -77.51 8.58
CA LEU D 60 -9.44 -77.42 9.82
C LEU D 60 -8.92 -78.79 10.27
N CYS D 61 -8.09 -79.41 9.43
CA CYS D 61 -7.57 -80.77 9.65
C CYS D 61 -6.08 -80.95 9.33
N ARG D 62 -5.43 -79.82 9.04
CA ARG D 62 -4.00 -79.77 8.77
C ARG D 62 -3.29 -78.89 9.81
N ARG D 63 -3.54 -77.58 9.75
CA ARG D 63 -3.00 -76.64 10.74
C ARG D 63 -3.64 -76.85 12.13
N CYS D 64 -4.97 -76.72 12.20
CA CYS D 64 -5.70 -77.00 13.44
C CYS D 64 -6.03 -78.50 13.60
N TYR D 65 -5.49 -79.10 14.66
CA TYR D 65 -5.95 -80.40 15.17
C TYR D 65 -6.24 -80.31 16.69
N ARG D 66 -5.99 -79.12 17.25
CA ARG D 66 -6.31 -78.77 18.63
C ARG D 66 -7.81 -78.95 18.93
N LEU D 67 -8.64 -78.42 18.04
CA LEU D 67 -10.10 -78.52 18.13
C LEU D 67 -10.67 -79.07 16.81
N LYS D 68 -10.39 -80.35 16.56
CA LYS D 68 -10.81 -81.02 15.32
C LYS D 68 -12.31 -81.37 15.26
N HIS D 69 -13.16 -80.41 15.69
CA HIS D 69 -14.62 -80.58 15.69
C HIS D 69 -15.43 -79.28 15.95
N LEU D 70 -14.93 -78.15 15.44
CA LEU D 70 -15.61 -76.83 15.61
C LEU D 70 -16.72 -76.66 14.53
N SER D 71 -17.73 -77.57 14.56
CA SER D 71 -18.84 -77.74 13.59
C SER D 71 -19.12 -76.59 12.60
N PRO D 72 -19.61 -76.94 11.42
CA PRO D 72 -19.75 -76.29 10.13
C PRO D 72 -20.59 -75.01 10.39
N THR D 73 -21.23 -74.97 11.57
CA THR D 73 -22.09 -73.83 11.98
C THR D 73 -21.50 -72.89 13.07
N ASP D 74 -20.73 -73.41 14.04
CA ASP D 74 -20.17 -72.60 15.16
C ASP D 74 -19.37 -71.33 14.78
N PRO D 75 -18.62 -71.35 13.66
CA PRO D 75 -18.22 -70.11 13.00
C PRO D 75 -19.35 -69.06 12.86
N VAL D 76 -20.61 -69.49 12.90
CA VAL D 76 -21.74 -68.56 12.86
C VAL D 76 -22.08 -68.01 14.27
N LEU D 77 -21.39 -68.52 15.30
CA LEU D 77 -21.50 -67.94 16.65
C LEU D 77 -20.76 -66.60 16.72
N TRP D 78 -19.61 -66.55 16.05
CA TRP D 78 -18.85 -65.32 15.83
C TRP D 78 -19.70 -64.29 15.05
N LEU D 79 -20.55 -64.80 14.15
CA LEU D 79 -21.32 -63.97 13.21
C LEU D 79 -22.75 -63.59 13.67
N ARG D 80 -23.43 -64.49 14.37
CA ARG D 80 -24.71 -64.13 14.99
C ARG D 80 -24.42 -63.17 16.16
N SER D 81 -23.19 -63.22 16.68
CA SER D 81 -22.69 -62.30 17.72
C SER D 81 -22.68 -60.82 17.28
N VAL D 82 -22.80 -60.57 15.98
CA VAL D 82 -22.77 -59.20 15.45
C VAL D 82 -23.94 -58.84 14.53
N ASP D 83 -24.85 -59.80 14.32
CA ASP D 83 -25.94 -59.68 13.34
C ASP D 83 -27.28 -59.32 14.00
N ARG D 84 -28.00 -60.36 14.43
CA ARG D 84 -29.28 -60.27 15.14
C ARG D 84 -29.14 -59.75 16.60
N SER D 85 -27.93 -59.27 16.96
CA SER D 85 -27.68 -58.57 18.22
C SER D 85 -28.57 -57.31 18.29
N LEU D 86 -28.40 -56.42 17.31
CA LEU D 86 -29.31 -55.27 17.12
C LEU D 86 -29.93 -55.28 15.70
N LEU D 87 -31.18 -55.72 15.61
CA LEU D 87 -31.96 -55.63 14.36
C LEU D 87 -33.35 -54.96 14.53
N LEU D 88 -33.55 -54.35 15.71
CA LEU D 88 -34.73 -53.52 16.02
C LEU D 88 -34.36 -52.00 16.12
N GLN D 89 -34.97 -51.29 17.06
CA GLN D 89 -34.81 -49.82 17.19
C GLN D 89 -33.39 -49.34 17.62
N GLY D 90 -33.19 -48.02 17.67
CA GLY D 90 -31.88 -47.46 17.99
C GLY D 90 -31.43 -46.25 17.17
N TRP D 91 -30.27 -46.39 16.49
CA TRP D 91 -29.51 -45.28 15.88
C TRP D 91 -29.31 -45.37 14.35
N GLN D 92 -29.09 -46.59 13.85
CA GLN D 92 -29.02 -46.89 12.41
C GLN D 92 -30.39 -46.71 11.74
N ASP D 93 -30.39 -46.55 10.42
CA ASP D 93 -31.63 -46.49 9.67
C ASP D 93 -31.70 -47.61 8.64
N GLN D 94 -30.54 -48.22 8.37
CA GLN D 94 -30.42 -49.30 7.40
C GLN D 94 -29.43 -50.32 7.95
N GLY D 95 -29.73 -51.58 7.70
CA GLY D 95 -28.93 -52.66 8.25
C GLY D 95 -27.54 -52.73 7.63
N PHE D 96 -26.61 -51.97 8.20
CA PHE D 96 -25.18 -51.95 7.82
C PHE D 96 -24.54 -53.29 7.43
N ILE D 97 -25.13 -54.41 7.87
CA ILE D 97 -24.69 -55.73 7.43
C ILE D 97 -24.84 -55.83 5.91
N THR D 98 -23.71 -55.79 5.21
CA THR D 98 -23.70 -55.69 3.75
C THR D 98 -22.51 -56.47 3.19
N PRO D 99 -22.72 -57.11 2.02
CA PRO D 99 -21.64 -57.82 1.30
C PRO D 99 -20.34 -57.01 1.23
N ALA D 100 -20.42 -55.77 0.74
CA ALA D 100 -19.24 -54.89 0.63
C ALA D 100 -18.67 -54.53 1.99
N ASN D 101 -19.55 -54.35 2.98
CA ASN D 101 -19.11 -54.05 4.34
C ASN D 101 -18.53 -55.27 5.06
N VAL D 102 -19.12 -56.44 4.83
CA VAL D 102 -18.57 -57.68 5.40
C VAL D 102 -17.17 -57.96 4.86
N VAL D 103 -16.92 -57.69 3.58
CA VAL D 103 -15.55 -57.81 3.05
C VAL D 103 -14.62 -56.75 3.65
N PHE D 104 -15.03 -55.47 3.63
CA PHE D 104 -14.27 -54.40 4.31
C PHE D 104 -13.82 -54.77 5.73
N LEU D 105 -14.75 -55.30 6.53
CA LEU D 105 -14.41 -55.76 7.88
C LEU D 105 -13.40 -56.92 7.89
N TYR D 106 -13.55 -57.83 6.93
CA TYR D 106 -12.66 -58.98 6.81
C TYR D 106 -11.21 -58.53 6.56
N MET D 107 -11.05 -57.43 5.83
CA MET D 107 -9.73 -56.86 5.59
C MET D 107 -9.05 -56.39 6.88
N LEU D 108 -9.86 -55.89 7.83
CA LEU D 108 -9.37 -55.38 9.11
C LEU D 108 -8.87 -56.49 10.05
N CYS D 109 -9.54 -57.63 9.99
CA CYS D 109 -9.09 -58.82 10.70
C CYS D 109 -7.85 -59.48 10.02
N ARG D 110 -6.87 -58.63 9.66
CA ARG D 110 -5.69 -59.10 8.91
C ARG D 110 -4.91 -59.84 9.88
N ASP D 111 -4.72 -59.05 10.86
CA ASP D 111 -4.13 -59.60 11.95
C ASP D 111 -4.89 -59.17 13.17
N VAL D 112 -5.70 -60.16 13.47
CA VAL D 112 -6.34 -60.19 14.75
C VAL D 112 -5.83 -61.59 15.33
N ILE D 113 -6.72 -62.45 15.80
CA ILE D 113 -6.63 -63.81 16.41
C ILE D 113 -5.69 -64.95 15.94
N SER D 114 -5.15 -65.80 16.90
CA SER D 114 -4.23 -66.91 16.62
C SER D 114 -4.96 -68.29 16.54
N SER D 115 -4.23 -69.36 16.88
CA SER D 115 -4.66 -70.78 16.76
C SER D 115 -5.57 -71.29 17.90
N GLU D 116 -5.31 -70.78 19.11
CA GLU D 116 -6.01 -71.13 20.36
C GLU D 116 -7.53 -70.89 20.33
N VAL D 117 -8.23 -71.60 21.21
CA VAL D 117 -9.67 -71.44 21.39
C VAL D 117 -9.97 -71.49 22.89
N GLY D 118 -10.52 -70.39 23.42
CA GLY D 118 -10.85 -70.30 24.84
C GLY D 118 -11.41 -68.96 25.27
N SER D 119 -10.73 -67.87 24.89
CA SER D 119 -11.09 -66.52 25.31
C SER D 119 -12.15 -65.90 24.42
N ASP D 120 -13.40 -66.11 24.82
CA ASP D 120 -14.55 -65.51 24.15
C ASP D 120 -14.84 -64.12 24.71
N HIS D 121 -13.83 -63.52 25.32
CA HIS D 121 -13.86 -62.14 25.76
C HIS D 121 -12.99 -61.28 24.85
N GLU D 122 -11.72 -61.66 24.70
CA GLU D 122 -10.80 -60.91 23.85
C GLU D 122 -11.21 -60.91 22.37
N LEU D 123 -11.95 -61.94 21.95
CA LEU D 123 -12.50 -61.97 20.58
C LEU D 123 -13.62 -60.93 20.38
N GLN D 124 -14.78 -61.17 21.00
CA GLN D 124 -15.86 -60.21 21.01
C GLN D 124 -15.32 -58.79 21.13
N ALA D 125 -14.31 -58.60 21.98
CA ALA D 125 -13.65 -57.31 22.15
C ALA D 125 -13.05 -56.80 20.86
N VAL D 126 -11.99 -57.45 20.36
CA VAL D 126 -11.27 -56.93 19.19
C VAL D 126 -12.11 -56.90 17.89
N LEU D 127 -13.05 -57.84 17.74
CA LEU D 127 -13.87 -57.90 16.53
C LEU D 127 -14.84 -56.73 16.50
N LEU D 128 -15.50 -56.49 17.64
CA LEU D 128 -16.41 -55.35 17.78
C LEU D 128 -15.63 -54.04 17.70
N THR D 129 -14.34 -54.07 18.07
CA THR D 129 -13.43 -52.94 17.85
C THR D 129 -13.22 -52.67 16.37
N CYS D 130 -12.97 -53.73 15.60
CA CYS D 130 -12.86 -53.64 14.16
C CYS D 130 -14.18 -53.16 13.54
N LEU D 131 -15.29 -53.63 14.13
CA LEU D 131 -16.63 -53.35 13.62
C LEU D 131 -17.00 -51.87 13.78
N TYR D 132 -16.57 -51.31 14.91
CA TYR D 132 -16.67 -49.89 15.17
C TYR D 132 -15.95 -49.09 14.08
N LEU D 133 -14.70 -49.47 13.78
CA LEU D 133 -13.92 -48.80 12.76
C LEU D 133 -14.53 -48.90 11.37
N SER D 134 -15.30 -49.95 11.12
CA SER D 134 -15.91 -50.12 9.81
C SER D 134 -17.10 -49.18 9.68
N TYR D 135 -17.97 -49.23 10.67
CA TYR D 135 -19.11 -48.35 10.79
C TYR D 135 -18.63 -46.89 10.65
N SER D 136 -17.49 -46.59 11.27
CA SER D 136 -16.99 -45.23 11.31
C SER D 136 -16.40 -44.80 9.96
N TYR D 137 -15.54 -45.62 9.37
CA TYR D 137 -14.99 -45.27 8.05
C TYR D 137 -16.01 -45.39 6.91
N MET D 138 -16.97 -46.29 7.05
CA MET D 138 -17.75 -46.74 5.88
C MET D 138 -19.24 -46.70 6.09
N GLY D 139 -19.66 -46.47 7.33
CA GLY D 139 -21.07 -46.37 7.60
C GLY D 139 -21.73 -45.34 6.71
N ASN D 140 -23.02 -45.55 6.45
CA ASN D 140 -23.82 -44.62 5.67
C ASN D 140 -24.02 -43.36 6.47
N GLU D 141 -24.17 -43.53 7.78
CA GLU D 141 -24.36 -42.40 8.66
C GLU D 141 -23.02 -41.67 8.84
N ILE D 142 -23.12 -40.41 9.23
CA ILE D 142 -21.95 -39.55 9.42
C ILE D 142 -21.19 -39.93 10.69
N SER D 143 -21.92 -40.43 11.69
CA SER D 143 -21.34 -40.98 12.94
C SER D 143 -22.16 -42.14 13.57
N TYR D 144 -21.53 -42.86 14.50
CA TYR D 144 -22.19 -43.95 15.22
C TYR D 144 -21.80 -43.92 16.71
N PRO D 145 -22.70 -44.36 17.61
CA PRO D 145 -22.43 -44.31 19.06
C PRO D 145 -21.35 -45.29 19.51
N LEU D 146 -21.28 -45.57 20.81
CA LEU D 146 -20.19 -46.39 21.36
C LEU D 146 -20.68 -47.58 22.15
N LYS D 147 -21.68 -47.31 22.99
CA LYS D 147 -22.37 -48.27 23.85
C LYS D 147 -22.53 -49.73 23.31
N PRO D 148 -23.04 -49.93 22.08
CA PRO D 148 -23.14 -51.28 21.52
C PRO D 148 -21.79 -51.96 21.16
N PHE D 149 -20.69 -51.22 21.13
CA PHE D 149 -19.39 -51.80 20.75
C PHE D 149 -18.46 -52.17 21.92
N LEU D 150 -18.43 -51.31 22.94
CA LEU D 150 -17.58 -51.54 24.11
C LEU D 150 -18.17 -52.66 24.97
N VAL D 151 -17.44 -53.77 25.06
CA VAL D 151 -17.88 -54.94 25.82
C VAL D 151 -16.95 -55.18 27.01
N GLU D 152 -15.67 -54.89 26.76
CA GLU D 152 -14.60 -54.87 27.77
C GLU D 152 -14.85 -53.77 28.82
N SER D 153 -14.27 -53.91 30.02
CA SER D 153 -14.52 -52.93 31.08
C SER D 153 -13.58 -51.70 31.08
N CYS D 154 -12.38 -51.83 30.51
CA CYS D 154 -11.42 -50.72 30.50
C CYS D 154 -11.57 -49.84 29.28
N LYS D 155 -12.56 -48.95 29.31
CA LYS D 155 -12.84 -48.00 28.23
C LYS D 155 -11.54 -47.51 27.58
N GLU D 156 -10.54 -47.20 28.41
CA GLU D 156 -9.25 -46.65 27.99
C GLU D 156 -8.49 -47.50 26.95
N ALA D 157 -8.61 -48.82 27.05
CA ALA D 157 -7.96 -49.72 26.12
C ALA D 157 -8.66 -49.79 24.75
N PHE D 158 -9.99 -49.60 24.75
CA PHE D 158 -10.78 -49.57 23.51
C PHE D 158 -10.17 -48.62 22.49
N TRP D 159 -9.66 -47.49 22.98
CA TRP D 159 -9.21 -46.37 22.16
C TRP D 159 -7.80 -46.50 21.61
N ASP D 160 -6.84 -46.83 22.46
CA ASP D 160 -5.46 -47.00 21.97
C ASP D 160 -5.41 -48.15 20.95
N ARG D 161 -6.37 -49.07 21.03
CA ARG D 161 -6.47 -50.19 20.07
C ARG D 161 -7.10 -49.77 18.74
N CYS D 162 -8.09 -48.86 18.82
CA CYS D 162 -8.66 -48.22 17.63
C CYS D 162 -7.53 -47.51 16.90
N LEU D 163 -6.61 -46.95 17.67
CA LEU D 163 -5.52 -46.15 17.12
C LEU D 163 -4.56 -47.04 16.36
N SER D 164 -4.16 -48.14 17.02
CA SER D 164 -3.29 -49.14 16.41
C SER D 164 -3.88 -49.59 15.07
N VAL D 165 -5.08 -50.19 15.12
CA VAL D 165 -5.78 -50.57 13.91
C VAL D 165 -5.64 -49.48 12.82
N ILE D 166 -5.84 -48.21 13.21
CA ILE D 166 -5.80 -47.08 12.29
C ILE D 166 -4.39 -46.85 11.71
N ASN D 167 -3.38 -46.99 12.55
CA ASN D 167 -2.00 -46.77 12.12
C ASN D 167 -1.56 -47.77 11.05
N LEU D 168 -2.09 -48.98 11.17
CA LEU D 168 -1.68 -50.11 10.33
C LEU D 168 -2.63 -50.33 9.17
N MET D 169 -3.90 -49.97 9.38
CA MET D 169 -4.94 -50.29 8.41
C MET D 169 -5.31 -49.10 7.55
N SER D 170 -4.93 -47.91 8.03
CA SER D 170 -5.14 -46.62 7.36
C SER D 170 -5.21 -46.71 5.84
N SER D 171 -4.09 -47.05 5.21
CA SER D 171 -4.03 -47.04 3.73
C SER D 171 -4.85 -48.16 3.12
N LYS D 172 -4.95 -49.26 3.85
CA LYS D 172 -5.70 -50.43 3.38
C LYS D 172 -7.21 -50.09 3.32
N MET D 173 -7.67 -49.21 4.20
CA MET D 173 -9.06 -48.75 4.17
C MET D 173 -9.38 -47.79 3.02
N LEU D 174 -8.42 -46.95 2.64
CA LEU D 174 -8.60 -46.10 1.47
C LEU D 174 -8.42 -46.82 0.12
N GLN D 175 -7.35 -47.64 -0.01
CA GLN D 175 -7.06 -48.33 -1.27
C GLN D 175 -8.16 -49.30 -1.63
N ILE D 176 -8.70 -50.01 -0.63
CA ILE D 176 -9.86 -50.87 -0.83
C ILE D 176 -11.06 -50.12 -1.44
N ASN D 177 -11.17 -48.82 -1.16
CA ASN D 177 -12.16 -47.97 -1.80
C ASN D 177 -11.65 -47.48 -3.16
N ALA D 178 -10.37 -47.15 -3.24
CA ALA D 178 -9.81 -46.56 -4.46
C ALA D 178 -9.44 -47.55 -5.57
N ASP D 179 -9.37 -48.84 -5.23
CA ASP D 179 -8.89 -49.88 -6.15
C ASP D 179 -9.90 -51.04 -6.23
N PRO D 180 -10.76 -51.02 -7.25
CA PRO D 180 -11.69 -52.12 -7.50
C PRO D 180 -10.97 -53.46 -7.62
N HIS D 181 -9.70 -53.46 -8.02
CA HIS D 181 -9.00 -54.73 -8.19
C HIS D 181 -8.67 -55.35 -6.84
N TYR D 182 -8.12 -54.52 -5.95
CA TYR D 182 -7.83 -54.90 -4.57
C TYR D 182 -9.12 -55.26 -3.80
N PHE D 183 -10.20 -54.51 -4.04
CA PHE D 183 -11.48 -54.89 -3.45
C PHE D 183 -11.81 -56.33 -3.85
N THR D 184 -11.87 -56.58 -5.17
CA THR D 184 -12.25 -57.87 -5.75
C THR D 184 -11.25 -58.95 -5.35
N GLN D 185 -9.97 -58.60 -5.36
CA GLN D 185 -8.94 -59.41 -4.73
C GLN D 185 -9.27 -59.84 -3.29
N VAL D 186 -9.80 -58.93 -2.47
CA VAL D 186 -10.16 -59.23 -1.06
C VAL D 186 -11.52 -59.92 -1.02
N PHE D 187 -12.37 -59.61 -2.00
CA PHE D 187 -13.63 -60.33 -2.14
C PHE D 187 -13.31 -61.78 -2.54
N SER D 188 -12.02 -62.01 -2.85
CA SER D 188 -11.48 -63.31 -3.17
C SER D 188 -10.41 -63.64 -2.13
N ASP D 189 -10.80 -64.20 -0.98
CA ASP D 189 -9.80 -64.64 -0.01
C ASP D 189 -9.93 -66.11 0.50
N LEU D 190 -11.15 -66.63 0.48
CA LEU D 190 -11.37 -68.08 0.47
C LEU D 190 -12.32 -68.41 -0.70
N LYS D 191 -11.71 -68.53 -1.88
CA LYS D 191 -12.39 -68.92 -3.12
C LYS D 191 -11.67 -70.08 -3.80
N ASN D 192 -10.54 -69.77 -4.46
CA ASN D 192 -9.74 -70.80 -5.19
C ASN D 192 -8.70 -71.59 -4.35
N GLU D 193 -8.17 -70.93 -3.31
CA GLU D 193 -7.15 -71.48 -2.40
C GLU D 193 -7.60 -72.81 -1.80
N SER D 194 -6.84 -73.88 -2.09
CA SER D 194 -7.27 -75.26 -1.74
C SER D 194 -6.14 -76.31 -1.52
N GLY D 195 -5.85 -77.23 -2.31
OAO ALH E . 23.87 52.21 7.83
CAN ALH E . 24.05 50.94 7.64
CAU ALH E . 22.95 50.08 7.49
CAT ALH E . 23.15 48.72 7.27
CAM ALH E . 24.45 48.23 7.24
CAE ALH E . 25.54 49.10 7.43
CAF ALH E . 25.34 50.47 7.63
CAL ALH E . 24.81 46.91 7.04
NAS ALH E . 26.11 46.49 7.00
CAR ALH E . 26.02 45.20 6.80
NAQ ALH E . 27.11 44.26 6.69
CAJ ALH E . 24.71 44.78 6.74
NAI ALH E . 24.40 43.41 6.54
CAH ALH E . 25.42 42.56 6.39
CAP ALH E . 26.76 42.99 6.46
CAK ALH E . 23.86 45.87 6.86
CAG ALH E . 22.33 45.86 6.89
CAD ALH E . 21.51 45.83 5.59
CAC ALH E . 20.19 45.13 5.90
CAB ALH E . 18.95 46.03 5.94
OAO ALH F . -9.85 -17.15 13.38
CAN ALH F . -9.29 -18.33 13.23
CAU ALH F . -10.08 -19.48 13.43
CAT ALH F . -9.51 -20.75 13.27
CAM ALH F . -8.17 -20.87 12.92
CAE ALH F . -7.38 -19.70 12.73
CAF ALH F . -7.95 -18.44 12.89
CAL ALH F . -7.52 -22.09 12.74
NAS ALH F . -6.22 -22.24 12.37
CAR ALH F . -6.07 -23.58 12.35
NAQ ALH F . -4.89 -24.33 12.02
CAJ ALH F . -7.23 -24.23 12.66
NAI ALH F . -7.31 -25.65 12.67
CAH ALH F . -6.19 -26.34 12.37
CAP ALH F . -5.00 -25.67 12.03
CAK ALH F . -8.22 -23.31 12.93
CAG ALH F . -9.64 -23.66 13.34
CAD ALH F . -10.62 -23.89 12.23
CAC ALH F . -10.45 -25.24 11.59
CAB ALH F . -11.40 -25.33 10.41
#